data_1JPP
#
_entry.id   1JPP
#
_cell.length_a   51.090
_cell.length_b   69.255
_cell.length_c   95.099
_cell.angle_alpha   68.70
_cell.angle_beta   87.04
_cell.angle_gamma   85.32
#
_symmetry.space_group_name_H-M   'P 1'
#
loop_
_entity.id
_entity.type
_entity.pdbx_description
1 polymer BETA-CATENIN
2 polymer 'ADENOMATOUS POLYPOSIS COLI PROTEIN'
3 non-polymer GLYCEROL
4 water water
#
loop_
_entity_poly.entity_id
_entity_poly.type
_entity_poly.pdbx_seq_one_letter_code
_entity_poly.pdbx_strand_id
1 'polypeptide(L)'
;HAVVNLINYQDDAELATRAIPELTKLLNDEDQVVVNKAAVMVHQLSKKEASRHAIMRSPQMVSAIVRTMQNTNDVETARC
TAGTLHNLSHHREGLLAIFKSGGIPALVKMLGSPVDSVLFYAITTLHNLLLHQEGAKMAVRLAGGLQKMVALLNKTNVKF
LAITTDCLQILAYGNQESKLIILASGGPQALVNIMRTYTYEKLLWTTSRVLKVLSVCSSNKPAIVEAGGMQALGLHLTDP
SQRLVQNCLWTLRNLSDAATKQEGMEGLLGTLVQLLGSDDINVVTCAAGILSNLTCNNYKNKMMVCQVGGIEALVRTVLR
AGDREDITEPAICALRHLTSRHQEAEMAQNAVRLHYGLPVVVKLLHPPSHWPLIKATVGLIRNLALCPANHAPLREQGAI
PRLVQLLVRAHQDTQRRTSMGGTQQQFVEGVRMEEIVEGCTGALHILARDVHNRIVIRGLNTIPLFVQLLYSPIENIQRV
AAGVLCELAQDKEAAEAIEAEGATAPLTELLHSRNEGVATYAAAVLFRMSEDKPQDYK
;
A,B
2 'polypeptide(L)' LDTPINYSLKYSDEQ C,D
#
loop_
_chem_comp.id
_chem_comp.type
_chem_comp.name
_chem_comp.formula
GOL non-polymer GLYCEROL 'C3 H8 O3'
#
# COMPACT_ATOMS: atom_id res chain seq x y z
N ARG A 18 -83.23 -51.63 44.34
CA ARG A 18 -83.37 -51.47 42.86
C ARG A 18 -82.28 -50.57 42.28
N ALA A 19 -82.16 -49.36 42.82
CA ALA A 19 -81.18 -48.38 42.37
C ALA A 19 -79.72 -48.85 42.38
N ILE A 20 -79.19 -49.13 43.57
CA ILE A 20 -77.81 -49.57 43.72
C ILE A 20 -77.35 -50.62 42.69
N PRO A 21 -78.12 -51.70 42.53
CA PRO A 21 -77.76 -52.75 41.57
C PRO A 21 -77.65 -52.26 40.13
N GLU A 22 -78.32 -51.15 39.83
CA GLU A 22 -78.32 -50.58 38.50
C GLU A 22 -77.12 -49.65 38.26
N LEU A 23 -76.79 -48.85 39.26
CA LEU A 23 -75.66 -47.92 39.15
C LEU A 23 -74.35 -48.70 39.09
N THR A 24 -74.26 -49.74 39.92
CA THR A 24 -73.07 -50.58 39.97
C THR A 24 -72.69 -51.00 38.56
N LYS A 25 -73.68 -51.46 37.81
CA LYS A 25 -73.46 -51.92 36.44
C LYS A 25 -73.02 -50.81 35.48
N LEU A 26 -73.61 -49.62 35.62
CA LEU A 26 -73.27 -48.50 34.76
C LEU A 26 -71.91 -47.91 35.08
N LEU A 27 -71.36 -48.30 36.24
CA LEU A 27 -70.06 -47.79 36.66
C LEU A 27 -68.86 -48.32 35.90
N ASN A 28 -69.04 -49.41 35.16
CA ASN A 28 -67.94 -49.94 34.38
C ASN A 28 -68.40 -50.80 33.22
N ASP A 29 -68.80 -50.13 32.15
CA ASP A 29 -69.27 -50.79 30.94
C ASP A 29 -68.05 -51.03 30.06
N GLU A 30 -67.70 -50.03 29.25
CA GLU A 30 -66.54 -50.09 28.37
C GLU A 30 -66.50 -48.71 27.75
N ASP A 31 -67.70 -48.15 27.56
CA ASP A 31 -67.86 -46.82 27.02
C ASP A 31 -67.86 -45.91 28.24
N GLN A 32 -66.92 -44.97 28.27
CA GLN A 32 -66.77 -44.09 29.43
C GLN A 32 -67.86 -43.07 29.76
N VAL A 33 -68.27 -42.23 28.81
CA VAL A 33 -69.31 -41.24 29.12
C VAL A 33 -70.35 -41.84 30.07
N VAL A 34 -70.61 -43.13 29.91
CA VAL A 34 -71.57 -43.81 30.78
C VAL A 34 -70.97 -43.89 32.18
N VAL A 35 -69.72 -44.34 32.28
CA VAL A 35 -69.05 -44.43 33.58
C VAL A 35 -68.76 -43.05 34.14
N ASN A 36 -68.45 -42.10 33.26
CA ASN A 36 -68.15 -40.73 33.68
C ASN A 36 -69.41 -40.02 34.14
N LYS A 37 -70.55 -40.42 33.61
CA LYS A 37 -71.82 -39.79 33.96
C LYS A 37 -72.53 -40.52 35.09
N ALA A 38 -72.11 -41.76 35.35
CA ALA A 38 -72.70 -42.55 36.42
C ALA A 38 -72.02 -42.18 37.73
N ALA A 39 -70.76 -41.79 37.66
CA ALA A 39 -70.00 -41.39 38.84
C ALA A 39 -70.64 -40.17 39.45
N VAL A 40 -71.01 -39.21 38.59
CA VAL A 40 -71.63 -37.97 39.03
C VAL A 40 -72.92 -38.24 39.79
N MET A 41 -73.64 -39.29 39.38
CA MET A 41 -74.89 -39.64 40.04
C MET A 41 -74.63 -40.24 41.42
N VAL A 42 -73.79 -41.28 41.46
CA VAL A 42 -73.45 -41.94 42.71
C VAL A 42 -72.95 -40.92 43.72
N HIS A 43 -72.14 -39.98 43.26
CA HIS A 43 -71.58 -38.95 44.12
C HIS A 43 -72.63 -38.17 44.92
N GLN A 44 -73.73 -37.80 44.27
CA GLN A 44 -74.78 -37.05 44.94
C GLN A 44 -75.58 -37.88 45.96
N LEU A 45 -75.64 -39.20 45.78
CA LEU A 45 -76.38 -40.04 46.72
C LEU A 45 -75.65 -40.16 48.06
N SER A 46 -74.34 -39.96 48.02
CA SER A 46 -73.50 -40.06 49.20
C SER A 46 -73.72 -38.91 50.19
N LYS A 47 -74.49 -37.91 49.80
CA LYS A 47 -74.74 -36.79 50.70
C LYS A 47 -76.02 -37.02 51.50
N LYS A 48 -76.70 -38.13 51.20
CA LYS A 48 -77.93 -38.45 51.90
C LYS A 48 -77.71 -39.67 52.78
N GLU A 49 -78.29 -39.63 53.98
CA GLU A 49 -78.16 -40.68 54.97
C GLU A 49 -78.62 -42.11 54.66
N ALA A 50 -79.82 -42.27 54.11
CA ALA A 50 -80.34 -43.59 53.81
C ALA A 50 -79.73 -44.12 52.53
N SER A 51 -79.00 -43.23 51.86
CA SER A 51 -78.33 -43.54 50.62
C SER A 51 -76.97 -44.14 50.95
N ARG A 52 -76.26 -43.50 51.88
CA ARG A 52 -74.94 -43.98 52.29
C ARG A 52 -75.08 -45.37 52.90
N HIS A 53 -75.99 -45.51 53.87
CA HIS A 53 -76.20 -46.79 54.53
C HIS A 53 -76.46 -47.88 53.49
N ALA A 54 -77.14 -47.51 52.41
CA ALA A 54 -77.45 -48.44 51.34
C ALA A 54 -76.23 -48.71 50.47
N ILE A 55 -75.38 -47.69 50.35
CA ILE A 55 -74.15 -47.80 49.57
C ILE A 55 -73.07 -48.61 50.28
N MET A 56 -72.97 -48.45 51.59
CA MET A 56 -71.97 -49.17 52.38
C MET A 56 -72.16 -50.69 52.31
N ARG A 57 -73.31 -51.17 52.79
CA ARG A 57 -73.59 -52.60 52.81
C ARG A 57 -73.60 -53.29 51.45
N SER A 58 -73.00 -52.66 50.44
CA SER A 58 -72.95 -53.24 49.11
C SER A 58 -71.52 -53.53 48.68
N PRO A 59 -71.03 -54.73 48.97
CA PRO A 59 -69.67 -55.18 48.64
C PRO A 59 -69.25 -55.04 47.18
N GLN A 60 -70.15 -54.59 46.32
CA GLN A 60 -69.84 -54.43 44.90
C GLN A 60 -69.78 -52.97 44.49
N MET A 61 -70.70 -52.17 45.04
CA MET A 61 -70.73 -50.75 44.74
C MET A 61 -69.40 -50.13 45.14
N VAL A 62 -68.96 -50.43 46.36
CA VAL A 62 -67.71 -49.90 46.89
C VAL A 62 -66.48 -50.30 46.07
N SER A 63 -66.50 -51.51 45.53
CA SER A 63 -65.38 -52.01 44.73
C SER A 63 -65.27 -51.28 43.38
N ALA A 64 -66.38 -51.22 42.67
CA ALA A 64 -66.42 -50.55 41.37
C ALA A 64 -65.98 -49.10 41.50
N ILE A 65 -66.39 -48.45 42.58
CA ILE A 65 -66.03 -47.05 42.83
C ILE A 65 -64.53 -46.83 42.91
N VAL A 66 -63.82 -47.73 43.59
CA VAL A 66 -62.38 -47.62 43.74
C VAL A 66 -61.62 -47.79 42.42
N ARG A 67 -61.90 -48.87 41.71
CA ARG A 67 -61.19 -49.11 40.45
C ARG A 67 -61.46 -48.02 39.41
N THR A 68 -62.52 -47.25 39.60
CA THR A 68 -62.84 -46.18 38.66
C THR A 68 -61.97 -44.96 38.95
N MET A 69 -61.90 -44.58 40.21
CA MET A 69 -61.09 -43.44 40.62
C MET A 69 -59.63 -43.76 40.28
N GLN A 70 -59.31 -45.05 40.32
CA GLN A 70 -57.97 -45.54 40.05
C GLN A 70 -57.54 -45.62 38.59
N ASN A 71 -58.45 -46.03 37.70
CA ASN A 71 -58.11 -46.17 36.30
C ASN A 71 -58.64 -45.08 35.35
N THR A 72 -59.45 -44.16 35.86
CA THR A 72 -60.00 -43.11 35.01
C THR A 72 -58.91 -42.22 34.42
N ASN A 73 -59.29 -41.40 33.47
CA ASN A 73 -58.34 -40.49 32.81
C ASN A 73 -58.94 -39.08 32.73
N ASP A 74 -60.20 -38.95 33.15
CA ASP A 74 -60.86 -37.65 33.12
C ASP A 74 -60.65 -36.99 34.47
N VAL A 75 -60.77 -35.66 34.51
CA VAL A 75 -60.58 -34.92 35.76
C VAL A 75 -61.75 -35.03 36.73
N GLU A 76 -62.90 -34.48 36.33
CA GLU A 76 -64.05 -34.51 37.22
C GLU A 76 -64.51 -35.90 37.67
N THR A 77 -64.27 -36.92 36.84
CA THR A 77 -64.65 -38.26 37.25
C THR A 77 -63.83 -38.57 38.50
N ALA A 78 -62.60 -38.07 38.50
CA ALA A 78 -61.68 -38.26 39.62
C ALA A 78 -62.16 -37.37 40.76
N ARG A 79 -62.42 -36.12 40.45
CA ARG A 79 -62.87 -35.17 41.45
C ARG A 79 -64.14 -35.65 42.17
N CYS A 80 -65.00 -36.37 41.46
CA CYS A 80 -66.24 -36.90 42.05
C CYS A 80 -66.07 -38.22 42.79
N THR A 81 -65.26 -39.14 42.26
CA THR A 81 -65.06 -40.44 42.90
C THR A 81 -64.28 -40.29 44.21
N ALA A 82 -63.36 -39.34 44.24
CA ALA A 82 -62.57 -39.09 45.44
C ALA A 82 -63.51 -38.58 46.53
N GLY A 83 -64.42 -37.70 46.16
CA GLY A 83 -65.36 -37.15 47.12
C GLY A 83 -66.34 -38.17 47.68
N THR A 84 -66.64 -39.20 46.89
CA THR A 84 -67.57 -40.25 47.31
C THR A 84 -66.99 -41.10 48.43
N LEU A 85 -65.69 -41.40 48.34
CA LEU A 85 -65.04 -42.21 49.37
C LEU A 85 -64.84 -41.38 50.64
N HIS A 86 -64.51 -40.11 50.46
CA HIS A 86 -64.29 -39.19 51.57
C HIS A 86 -65.51 -39.12 52.50
N ASN A 87 -66.70 -39.16 51.92
CA ASN A 87 -67.94 -39.10 52.71
C ASN A 87 -68.21 -40.42 53.42
N LEU A 88 -67.73 -41.51 52.83
CA LEU A 88 -67.91 -42.85 53.39
C LEU A 88 -67.01 -43.09 54.59
N SER A 89 -66.01 -42.23 54.75
CA SER A 89 -65.04 -42.35 55.85
C SER A 89 -65.46 -41.73 57.17
N HIS A 90 -66.56 -40.99 57.17
CA HIS A 90 -67.03 -40.34 58.39
C HIS A 90 -67.70 -41.27 59.40
N HIS A 91 -67.70 -42.57 59.10
CA HIS A 91 -68.29 -43.55 60.01
C HIS A 91 -67.66 -44.93 59.91
N ARG A 92 -67.53 -45.58 61.07
CA ARG A 92 -66.93 -46.90 61.20
C ARG A 92 -67.31 -47.93 60.15
N GLU A 93 -68.61 -48.10 59.91
CA GLU A 93 -69.08 -49.08 58.93
C GLU A 93 -68.50 -48.79 57.55
N GLY A 94 -68.44 -47.51 57.19
CA GLY A 94 -67.93 -47.10 55.89
C GLY A 94 -66.43 -47.24 55.73
N LEU A 95 -65.70 -47.25 56.84
CA LEU A 95 -64.25 -47.39 56.78
C LEU A 95 -63.90 -48.85 56.53
N LEU A 96 -64.53 -49.75 57.28
CA LEU A 96 -64.30 -51.18 57.16
C LEU A 96 -64.52 -51.63 55.72
N ALA A 97 -65.47 -50.97 55.04
CA ALA A 97 -65.79 -51.30 53.66
C ALA A 97 -64.69 -50.83 52.72
N ILE A 98 -64.27 -49.58 52.89
CA ILE A 98 -63.20 -49.01 52.05
C ILE A 98 -61.96 -49.89 52.18
N PHE A 99 -61.74 -50.38 53.40
CA PHE A 99 -60.58 -51.21 53.71
C PHE A 99 -60.58 -52.54 52.95
N LYS A 100 -61.69 -53.26 53.00
CA LYS A 100 -61.80 -54.55 52.31
C LYS A 100 -61.68 -54.46 50.79
N SER A 101 -62.25 -53.40 50.23
CA SER A 101 -62.23 -53.21 48.78
C SER A 101 -60.86 -52.81 48.22
N GLY A 102 -59.84 -52.79 49.06
CA GLY A 102 -58.51 -52.42 48.63
C GLY A 102 -58.44 -50.99 48.13
N GLY A 103 -58.96 -50.06 48.92
CA GLY A 103 -58.97 -48.66 48.53
C GLY A 103 -57.73 -47.82 48.87
N ILE A 104 -56.94 -48.27 49.85
CA ILE A 104 -55.75 -47.52 50.24
C ILE A 104 -54.67 -47.40 49.17
N PRO A 105 -54.30 -48.52 48.52
CA PRO A 105 -53.26 -48.42 47.48
C PRO A 105 -53.64 -47.37 46.43
N ALA A 106 -54.95 -47.31 46.14
CA ALA A 106 -55.49 -46.37 45.16
C ALA A 106 -55.42 -44.93 45.66
N LEU A 107 -55.78 -44.72 46.92
CA LEU A 107 -55.75 -43.39 47.53
C LEU A 107 -54.35 -42.77 47.45
N VAL A 108 -53.33 -43.56 47.72
CA VAL A 108 -51.95 -43.07 47.67
C VAL A 108 -51.61 -42.59 46.27
N LYS A 109 -52.01 -43.39 45.28
CA LYS A 109 -51.77 -43.07 43.87
C LYS A 109 -52.24 -41.65 43.55
N MET A 110 -53.39 -41.27 44.09
CA MET A 110 -53.98 -39.96 43.87
C MET A 110 -53.21 -38.80 44.50
N LEU A 111 -52.24 -39.10 45.33
CA LEU A 111 -51.45 -38.06 45.99
C LEU A 111 -50.46 -37.38 45.06
N GLY A 112 -50.56 -37.69 43.77
CA GLY A 112 -49.67 -37.08 42.80
C GLY A 112 -50.38 -36.22 41.77
N SER A 113 -51.66 -35.96 42.03
CA SER A 113 -52.48 -35.15 41.13
C SER A 113 -52.13 -33.66 41.17
N PRO A 114 -52.26 -32.97 40.02
CA PRO A 114 -51.96 -31.54 39.94
C PRO A 114 -53.24 -30.76 40.24
N VAL A 115 -54.30 -31.50 40.55
CA VAL A 115 -55.59 -30.91 40.87
C VAL A 115 -55.70 -30.71 42.37
N ASP A 116 -55.95 -29.49 42.79
CA ASP A 116 -56.07 -29.18 44.21
C ASP A 116 -57.17 -29.94 44.93
N SER A 117 -58.39 -29.85 44.42
CA SER A 117 -59.51 -30.54 45.05
C SER A 117 -59.23 -32.03 45.24
N VAL A 118 -58.74 -32.69 44.21
CA VAL A 118 -58.45 -34.13 44.27
C VAL A 118 -57.33 -34.48 45.24
N LEU A 119 -56.34 -33.60 45.35
CA LEU A 119 -55.21 -33.80 46.24
C LEU A 119 -55.66 -33.61 47.68
N PHE A 120 -56.42 -32.54 47.90
CA PHE A 120 -56.88 -32.21 49.24
C PHE A 120 -57.90 -33.14 49.87
N TYR A 121 -58.54 -34.00 49.08
CA TYR A 121 -59.50 -35.01 49.63
C TYR A 121 -58.69 -36.21 50.07
N ALA A 122 -58.08 -36.88 49.08
CA ALA A 122 -57.24 -38.06 49.27
C ALA A 122 -56.59 -38.06 50.64
N ILE A 123 -55.71 -37.09 50.84
CA ILE A 123 -54.99 -36.93 52.11
C ILE A 123 -55.88 -36.99 53.36
N THR A 124 -57.07 -36.38 53.31
CA THR A 124 -57.98 -36.38 54.46
C THR A 124 -58.66 -37.73 54.69
N THR A 125 -58.86 -38.49 53.62
CA THR A 125 -59.50 -39.80 53.74
C THR A 125 -58.50 -40.77 54.38
N LEU A 126 -57.23 -40.61 54.02
CA LEU A 126 -56.16 -41.44 54.57
C LEU A 126 -55.99 -41.11 56.05
N HIS A 127 -56.02 -39.81 56.34
CA HIS A 127 -55.87 -39.33 57.71
C HIS A 127 -56.89 -40.04 58.61
N ASN A 128 -58.12 -40.14 58.13
CA ASN A 128 -59.19 -40.79 58.89
C ASN A 128 -58.93 -42.29 59.05
N LEU A 129 -58.49 -42.93 57.98
CA LEU A 129 -58.20 -44.36 58.01
C LEU A 129 -57.10 -44.70 59.00
N LEU A 130 -56.08 -43.85 59.06
CA LEU A 130 -54.96 -44.06 59.97
C LEU A 130 -55.39 -43.96 61.44
N LEU A 131 -56.35 -43.06 61.70
CA LEU A 131 -56.84 -42.82 63.06
C LEU A 131 -57.82 -43.84 63.66
N HIS A 132 -58.65 -44.49 62.84
CA HIS A 132 -59.62 -45.42 63.40
C HIS A 132 -59.76 -46.82 62.81
N GLN A 133 -59.01 -47.16 61.77
CA GLN A 133 -59.10 -48.50 61.20
C GLN A 133 -57.83 -49.30 61.49
N GLU A 134 -57.99 -50.52 62.02
CA GLU A 134 -56.85 -51.36 62.36
C GLU A 134 -56.34 -52.14 61.16
N GLY A 135 -55.11 -51.83 60.76
CA GLY A 135 -54.50 -52.48 59.61
C GLY A 135 -54.05 -51.41 58.63
N ALA A 136 -54.69 -50.25 58.71
CA ALA A 136 -54.36 -49.13 57.82
C ALA A 136 -52.86 -48.85 57.83
N LYS A 137 -52.28 -48.76 59.01
CA LYS A 137 -50.85 -48.48 59.16
C LYS A 137 -49.93 -49.40 58.35
N MET A 138 -50.15 -50.70 58.46
CA MET A 138 -49.34 -51.67 57.72
C MET A 138 -49.49 -51.47 56.22
N ALA A 139 -50.74 -51.29 55.79
CA ALA A 139 -51.09 -51.10 54.39
C ALA A 139 -50.50 -49.84 53.74
N VAL A 140 -50.74 -48.69 54.37
CA VAL A 140 -50.23 -47.43 53.83
C VAL A 140 -48.72 -47.48 53.63
N ARG A 141 -48.06 -48.36 54.36
CA ARG A 141 -46.61 -48.51 54.25
C ARG A 141 -46.19 -49.34 53.04
N LEU A 142 -47.05 -50.24 52.56
CA LEU A 142 -46.71 -51.05 51.39
C LEU A 142 -46.91 -50.20 50.15
N ALA A 143 -48.00 -49.46 50.14
CA ALA A 143 -48.30 -48.57 49.03
C ALA A 143 -47.16 -47.57 48.88
N GLY A 144 -46.40 -47.36 49.96
CA GLY A 144 -45.30 -46.43 49.93
C GLY A 144 -45.77 -45.00 50.07
N GLY A 145 -46.48 -44.71 51.15
CA GLY A 145 -46.99 -43.35 51.36
C GLY A 145 -46.05 -42.38 52.06
N LEU A 146 -44.84 -42.83 52.39
CA LEU A 146 -43.88 -41.97 53.07
C LEU A 146 -43.14 -41.03 52.13
N GLN A 147 -42.59 -41.54 51.04
CA GLN A 147 -41.86 -40.69 50.10
C GLN A 147 -42.78 -39.69 49.42
N LYS A 148 -44.06 -40.04 49.31
CA LYS A 148 -45.02 -39.15 48.68
C LYS A 148 -45.40 -37.99 49.58
N MET A 149 -45.78 -38.30 50.82
CA MET A 149 -46.16 -37.26 51.76
C MET A 149 -45.03 -36.25 51.97
N VAL A 150 -43.79 -36.74 51.97
CA VAL A 150 -42.64 -35.85 52.15
C VAL A 150 -42.41 -34.97 50.91
N ALA A 151 -42.81 -35.48 49.75
CA ALA A 151 -42.65 -34.74 48.50
C ALA A 151 -43.64 -33.58 48.42
N LEU A 152 -44.72 -33.68 49.18
CA LEU A 152 -45.75 -32.66 49.22
C LEU A 152 -45.44 -31.52 50.19
N LEU A 153 -44.37 -31.68 50.95
CA LEU A 153 -43.99 -30.67 51.95
C LEU A 153 -43.52 -29.35 51.36
N ASN A 154 -43.48 -29.23 50.04
CA ASN A 154 -43.04 -27.99 49.42
C ASN A 154 -44.19 -27.10 48.96
N LYS A 155 -45.42 -27.60 49.08
CA LYS A 155 -46.61 -26.82 48.70
C LYS A 155 -46.66 -25.59 49.59
N THR A 156 -47.67 -24.73 49.37
CA THR A 156 -47.76 -23.50 50.16
C THR A 156 -49.04 -23.29 50.99
N ASN A 157 -49.93 -24.26 51.01
CA ASN A 157 -51.18 -24.14 51.78
C ASN A 157 -50.97 -24.63 53.22
N VAL A 158 -50.78 -23.69 54.14
CA VAL A 158 -50.53 -24.04 55.54
C VAL A 158 -51.53 -25.03 56.18
N LYS A 159 -52.78 -25.02 55.70
CA LYS A 159 -53.77 -25.95 56.25
C LYS A 159 -53.52 -27.33 55.68
N PHE A 160 -53.07 -27.37 54.42
CA PHE A 160 -52.77 -28.62 53.74
C PHE A 160 -51.61 -29.31 54.47
N LEU A 161 -50.57 -28.53 54.73
CA LEU A 161 -49.38 -29.00 55.42
C LEU A 161 -49.71 -29.60 56.79
N ALA A 162 -50.54 -28.88 57.55
CA ALA A 162 -50.93 -29.32 58.88
C ALA A 162 -51.44 -30.76 58.88
N ILE A 163 -52.31 -31.09 57.92
CA ILE A 163 -52.85 -32.44 57.82
C ILE A 163 -51.78 -33.45 57.44
N THR A 164 -50.92 -33.06 56.51
CA THR A 164 -49.86 -33.93 56.02
C THR A 164 -48.83 -34.31 57.08
N THR A 165 -48.30 -33.32 57.79
CA THR A 165 -47.30 -33.57 58.82
C THR A 165 -47.84 -34.43 59.97
N ASP A 166 -49.12 -34.31 60.27
CA ASP A 166 -49.72 -35.09 61.34
C ASP A 166 -49.82 -36.56 60.93
N CYS A 167 -49.82 -36.81 59.62
CA CYS A 167 -49.89 -38.17 59.10
C CYS A 167 -48.53 -38.84 59.21
N LEU A 168 -47.48 -38.02 59.15
CA LEU A 168 -46.11 -38.50 59.24
C LEU A 168 -45.81 -38.95 60.67
N GLN A 169 -46.36 -38.22 61.64
CA GLN A 169 -46.14 -38.52 63.04
C GLN A 169 -46.81 -39.80 63.53
N ILE A 170 -47.94 -40.15 62.94
CA ILE A 170 -48.64 -41.38 63.32
C ILE A 170 -47.89 -42.62 62.83
N LEU A 171 -47.35 -42.54 61.63
CA LEU A 171 -46.61 -43.63 61.01
C LEU A 171 -45.18 -43.80 61.52
N ALA A 172 -44.59 -42.71 61.98
CA ALA A 172 -43.21 -42.74 62.46
C ALA A 172 -43.06 -43.11 63.94
N TYR A 173 -44.18 -43.17 64.66
CA TYR A 173 -44.15 -43.49 66.08
C TYR A 173 -43.93 -44.98 66.36
N GLY A 174 -42.83 -45.26 67.06
CA GLY A 174 -42.50 -46.63 67.42
C GLY A 174 -42.04 -47.50 66.26
N ASN A 175 -41.52 -46.88 65.21
CA ASN A 175 -41.07 -47.62 64.04
C ASN A 175 -39.80 -46.99 63.45
N GLN A 176 -38.67 -47.70 63.53
CA GLN A 176 -37.39 -47.19 63.03
C GLN A 176 -37.25 -47.26 61.51
N GLU A 177 -37.86 -48.26 60.90
CA GLU A 177 -37.81 -48.44 59.45
C GLU A 177 -38.42 -47.18 58.82
N SER A 178 -39.45 -46.66 59.46
CA SER A 178 -40.16 -45.47 59.00
C SER A 178 -39.38 -44.16 59.16
N LYS A 179 -38.66 -44.03 60.28
CA LYS A 179 -37.86 -42.84 60.54
C LYS A 179 -36.69 -42.76 59.57
N LEU A 180 -36.21 -43.93 59.15
CA LEU A 180 -35.08 -43.99 58.22
C LEU A 180 -35.45 -43.64 56.79
N ILE A 181 -36.69 -43.91 56.39
CA ILE A 181 -37.09 -43.56 55.03
C ILE A 181 -37.29 -42.06 54.96
N ILE A 182 -37.96 -41.50 55.97
CA ILE A 182 -38.18 -40.06 55.99
C ILE A 182 -36.81 -39.42 55.89
N LEU A 183 -35.91 -39.87 56.73
CA LEU A 183 -34.53 -39.38 56.76
C LEU A 183 -33.86 -39.50 55.40
N ALA A 184 -33.98 -40.69 54.79
CA ALA A 184 -33.38 -40.97 53.48
C ALA A 184 -33.97 -40.15 52.35
N SER A 185 -35.19 -39.65 52.55
CA SER A 185 -35.87 -38.85 51.53
C SER A 185 -35.65 -37.35 51.77
N GLY A 186 -34.85 -37.03 52.78
CA GLY A 186 -34.54 -35.65 53.09
C GLY A 186 -35.66 -34.89 53.80
N GLY A 187 -36.17 -35.45 54.89
CA GLY A 187 -37.23 -34.79 55.62
C GLY A 187 -36.73 -33.67 56.52
N PRO A 188 -35.67 -33.91 57.32
CA PRO A 188 -35.07 -32.96 58.24
C PRO A 188 -34.86 -31.51 57.79
N GLN A 189 -34.20 -31.28 56.65
CA GLN A 189 -34.00 -29.90 56.22
C GLN A 189 -35.14 -29.38 55.36
N ALA A 190 -36.30 -29.99 55.52
CA ALA A 190 -37.49 -29.57 54.79
C ALA A 190 -38.42 -29.02 55.86
N LEU A 191 -38.52 -29.76 56.95
CA LEU A 191 -39.36 -29.38 58.09
C LEU A 191 -38.80 -28.12 58.74
N VAL A 192 -37.49 -28.12 58.95
CA VAL A 192 -36.84 -26.97 59.56
C VAL A 192 -37.20 -25.70 58.79
N ASN A 193 -37.23 -25.80 57.47
CA ASN A 193 -37.58 -24.63 56.64
C ASN A 193 -38.96 -24.08 57.03
N ILE A 194 -39.91 -24.97 57.28
CA ILE A 194 -41.26 -24.58 57.67
C ILE A 194 -41.21 -23.69 58.91
N MET A 195 -40.48 -24.17 59.92
CA MET A 195 -40.34 -23.47 61.19
C MET A 195 -39.81 -22.04 61.13
N ARG A 196 -39.01 -21.72 60.12
CA ARG A 196 -38.46 -20.37 60.00
C ARG A 196 -39.03 -19.60 58.80
N THR A 197 -40.27 -19.89 58.43
CA THR A 197 -40.90 -19.21 57.31
C THR A 197 -42.37 -18.85 57.57
N TYR A 198 -43.12 -19.79 58.14
CA TYR A 198 -44.54 -19.57 58.41
C TYR A 198 -44.83 -19.21 59.87
N THR A 199 -46.08 -18.83 60.14
CA THR A 199 -46.49 -18.45 61.50
C THR A 199 -47.75 -19.13 62.04
N TYR A 200 -48.50 -19.83 61.18
CA TYR A 200 -49.71 -20.52 61.62
C TYR A 200 -49.35 -21.42 62.81
N GLU A 201 -49.99 -21.23 63.96
CA GLU A 201 -49.68 -22.01 65.14
C GLU A 201 -49.94 -23.52 65.04
N LYS A 202 -51.09 -23.93 64.52
CA LYS A 202 -51.39 -25.35 64.42
C LYS A 202 -50.42 -26.10 63.51
N LEU A 203 -49.76 -25.38 62.61
CA LEU A 203 -48.80 -26.00 61.71
C LEU A 203 -47.47 -26.14 62.45
N LEU A 204 -47.06 -25.06 63.10
CA LEU A 204 -45.81 -25.04 63.84
C LEU A 204 -45.82 -26.03 65.01
N TRP A 205 -47.01 -26.39 65.49
CA TRP A 205 -47.14 -27.34 66.60
C TRP A 205 -46.91 -28.78 66.15
N THR A 206 -47.58 -29.19 65.08
CA THR A 206 -47.46 -30.55 64.58
C THR A 206 -46.08 -30.83 63.96
N THR A 207 -45.50 -29.83 63.30
CA THR A 207 -44.20 -30.01 62.67
C THR A 207 -43.13 -30.25 63.73
N SER A 208 -43.38 -29.78 64.96
CA SER A 208 -42.44 -29.97 66.05
C SER A 208 -42.67 -31.37 66.62
N ARG A 209 -43.92 -31.82 66.57
CA ARG A 209 -44.26 -33.14 67.06
C ARG A 209 -43.55 -34.20 66.22
N VAL A 210 -43.27 -33.86 64.96
CA VAL A 210 -42.57 -34.77 64.07
C VAL A 210 -41.10 -34.73 64.43
N LEU A 211 -40.53 -33.53 64.47
CA LEU A 211 -39.11 -33.36 64.79
C LEU A 211 -38.77 -34.06 66.10
N LYS A 212 -39.66 -33.97 67.08
CA LYS A 212 -39.44 -34.60 68.37
C LYS A 212 -39.22 -36.11 68.24
N VAL A 213 -40.19 -36.79 67.64
CA VAL A 213 -40.11 -38.24 67.46
C VAL A 213 -38.81 -38.69 66.79
N LEU A 214 -38.28 -37.85 65.89
CA LEU A 214 -37.05 -38.18 65.18
C LEU A 214 -35.78 -37.97 66.00
N SER A 215 -35.82 -37.03 66.94
CA SER A 215 -34.67 -36.73 67.77
C SER A 215 -34.26 -37.85 68.72
N VAL A 216 -35.11 -38.85 68.87
CA VAL A 216 -34.80 -39.96 69.76
C VAL A 216 -33.69 -40.88 69.26
N CYS A 217 -33.84 -41.41 68.05
CA CYS A 217 -32.82 -42.32 67.51
C CYS A 217 -31.47 -41.63 67.33
N SER A 218 -30.41 -42.43 67.28
CA SER A 218 -29.03 -41.94 67.16
C SER A 218 -28.47 -41.67 65.75
N SER A 219 -29.22 -42.04 64.72
CA SER A 219 -28.78 -41.80 63.33
C SER A 219 -29.48 -40.56 62.76
N ASN A 220 -30.74 -40.39 63.14
CA ASN A 220 -31.60 -39.29 62.70
C ASN A 220 -31.32 -37.95 63.39
N LYS A 221 -30.38 -37.92 64.34
CA LYS A 221 -30.10 -36.68 65.05
C LYS A 221 -29.23 -35.62 64.34
N PRO A 222 -28.02 -35.99 63.90
CA PRO A 222 -27.11 -35.07 63.21
C PRO A 222 -27.61 -34.34 61.97
N ALA A 223 -28.55 -34.95 61.27
CA ALA A 223 -29.12 -34.39 60.05
C ALA A 223 -29.88 -33.09 60.37
N ILE A 224 -30.46 -33.04 61.57
CA ILE A 224 -31.22 -31.88 62.01
C ILE A 224 -30.34 -30.70 62.40
N VAL A 225 -29.26 -30.98 63.13
CA VAL A 225 -28.35 -29.93 63.57
C VAL A 225 -27.58 -29.28 62.40
N GLU A 226 -27.28 -30.06 61.37
CA GLU A 226 -26.55 -29.55 60.21
C GLU A 226 -27.37 -28.59 59.38
N ALA A 227 -28.68 -28.84 59.30
CA ALA A 227 -29.56 -27.97 58.54
C ALA A 227 -29.64 -26.60 59.21
N GLY A 228 -29.73 -26.61 60.54
CA GLY A 228 -29.82 -25.39 61.30
C GLY A 228 -31.02 -25.46 62.22
N GLY A 229 -31.41 -26.70 62.55
CA GLY A 229 -32.56 -26.92 63.42
C GLY A 229 -32.45 -26.28 64.78
N MET A 230 -31.24 -26.06 65.26
CA MET A 230 -31.04 -25.45 66.57
C MET A 230 -31.46 -23.98 66.57
N GLN A 231 -31.09 -23.24 65.53
CA GLN A 231 -31.44 -21.82 65.43
C GLN A 231 -32.90 -21.61 65.05
N ALA A 232 -33.43 -22.53 64.25
CA ALA A 232 -34.81 -22.45 63.79
C ALA A 232 -35.80 -22.78 64.91
N LEU A 233 -35.36 -23.56 65.88
CA LEU A 233 -36.22 -23.92 67.00
C LEU A 233 -36.13 -22.91 68.14
N GLY A 234 -35.05 -22.13 68.14
CA GLY A 234 -34.87 -21.13 69.19
C GLY A 234 -35.82 -19.96 69.00
N LEU A 235 -36.22 -19.73 67.74
CA LEU A 235 -37.11 -18.63 67.38
C LEU A 235 -38.45 -18.55 68.11
N HIS A 236 -39.04 -19.69 68.43
CA HIS A 236 -40.35 -19.72 69.08
C HIS A 236 -40.35 -19.99 70.57
N LEU A 237 -39.25 -19.67 71.25
CA LEU A 237 -39.16 -19.91 72.69
C LEU A 237 -39.98 -18.95 73.55
N THR A 238 -40.32 -17.79 72.98
CA THR A 238 -41.12 -16.80 73.70
C THR A 238 -42.50 -16.53 73.10
N ASP A 239 -43.07 -17.54 72.44
CA ASP A 239 -44.39 -17.40 71.83
C ASP A 239 -45.50 -17.71 72.85
N PRO A 240 -46.69 -17.13 72.65
CA PRO A 240 -47.84 -17.31 73.53
C PRO A 240 -48.32 -18.75 73.73
N SER A 241 -47.95 -19.64 72.82
CA SER A 241 -48.37 -21.03 72.90
C SER A 241 -47.61 -21.85 73.95
N GLN A 242 -48.33 -22.41 74.92
CA GLN A 242 -47.70 -23.21 75.94
C GLN A 242 -47.18 -24.53 75.37
N ARG A 243 -48.00 -25.21 74.57
CA ARG A 243 -47.61 -26.49 73.98
C ARG A 243 -46.46 -26.37 72.97
N LEU A 244 -46.40 -25.26 72.25
CA LEU A 244 -45.33 -25.09 71.27
C LEU A 244 -43.99 -24.83 71.94
N VAL A 245 -44.02 -24.13 73.08
CA VAL A 245 -42.78 -23.83 73.79
C VAL A 245 -42.24 -25.04 74.55
N GLN A 246 -43.13 -25.96 74.93
CA GLN A 246 -42.69 -27.15 75.65
C GLN A 246 -42.13 -28.20 74.69
N ASN A 247 -42.80 -28.39 73.54
CA ASN A 247 -42.31 -29.38 72.58
C ASN A 247 -40.97 -28.92 72.03
N CYS A 248 -40.77 -27.61 71.94
CA CYS A 248 -39.52 -27.06 71.43
C CYS A 248 -38.42 -27.34 72.42
N LEU A 249 -38.76 -27.26 73.70
CA LEU A 249 -37.75 -27.50 74.73
C LEU A 249 -37.34 -28.99 74.85
N TRP A 250 -38.28 -29.95 74.86
CA TRP A 250 -37.89 -31.37 74.98
C TRP A 250 -36.93 -31.68 73.83
N THR A 251 -37.30 -31.19 72.66
CA THR A 251 -36.50 -31.42 71.47
C THR A 251 -35.11 -30.80 71.49
N LEU A 252 -34.91 -29.59 72.04
CA LEU A 252 -33.55 -29.01 72.07
C LEU A 252 -32.65 -29.75 73.06
N ARG A 253 -33.27 -30.39 74.04
CA ARG A 253 -32.52 -31.15 75.04
C ARG A 253 -32.05 -32.47 74.44
N ASN A 254 -32.83 -33.02 73.52
CA ASN A 254 -32.46 -34.28 72.87
C ASN A 254 -31.31 -34.12 71.89
N LEU A 255 -31.28 -33.01 71.15
CA LEU A 255 -30.22 -32.78 70.19
C LEU A 255 -28.92 -32.31 70.87
N SER A 256 -29.08 -31.52 71.93
CA SER A 256 -27.98 -30.93 72.69
C SER A 256 -26.62 -31.63 72.72
N ASP A 257 -26.58 -32.92 73.02
CA ASP A 257 -25.31 -33.64 73.10
C ASP A 257 -24.64 -33.89 71.75
N ALA A 258 -25.10 -33.19 70.71
CA ALA A 258 -24.52 -33.36 69.38
C ALA A 258 -24.35 -32.04 68.63
N ALA A 259 -24.63 -30.93 69.31
CA ALA A 259 -24.51 -29.60 68.69
C ALA A 259 -23.42 -28.77 69.37
N THR A 260 -22.56 -29.46 70.11
CA THR A 260 -21.47 -28.81 70.86
C THR A 260 -20.35 -28.18 70.03
N LYS A 261 -20.56 -28.01 68.73
CA LYS A 261 -19.52 -27.42 67.89
C LYS A 261 -20.02 -26.46 66.81
N GLN A 262 -21.33 -26.25 66.76
CA GLN A 262 -21.93 -25.35 65.78
C GLN A 262 -21.55 -23.89 66.06
N GLU A 263 -21.17 -23.16 65.00
CA GLU A 263 -20.82 -21.75 65.13
C GLU A 263 -22.11 -20.95 65.25
N GLY A 264 -21.98 -19.65 65.55
CA GLY A 264 -23.14 -18.80 65.68
C GLY A 264 -24.27 -19.27 66.58
N MET A 265 -23.94 -19.77 67.77
CA MET A 265 -24.97 -20.21 68.71
C MET A 265 -25.09 -19.11 69.77
N GLU A 266 -24.35 -18.03 69.55
CA GLU A 266 -24.34 -16.88 70.45
C GLU A 266 -25.71 -16.22 70.55
N GLY A 267 -26.57 -16.50 69.59
CA GLY A 267 -27.90 -15.92 69.60
C GLY A 267 -28.82 -16.68 70.55
N LEU A 268 -28.85 -18.00 70.39
CA LEU A 268 -29.69 -18.88 71.21
C LEU A 268 -29.28 -18.91 72.69
N LEU A 269 -27.98 -18.82 72.95
CA LEU A 269 -27.48 -18.84 74.33
C LEU A 269 -27.99 -17.65 75.14
N GLY A 270 -28.29 -16.55 74.46
CA GLY A 270 -28.79 -15.38 75.15
C GLY A 270 -30.16 -15.68 75.74
N THR A 271 -31.07 -16.10 74.88
CA THR A 271 -32.44 -16.43 75.27
C THR A 271 -32.48 -17.46 76.40
N LEU A 272 -31.80 -18.58 76.20
CA LEU A 272 -31.77 -19.65 77.19
C LEU A 272 -31.51 -19.18 78.62
N VAL A 273 -30.58 -18.23 78.78
CA VAL A 273 -30.26 -17.72 80.11
C VAL A 273 -31.46 -17.02 80.73
N GLN A 274 -32.11 -16.15 79.97
CA GLN A 274 -33.27 -15.44 80.48
C GLN A 274 -34.35 -16.42 80.91
N LEU A 275 -34.47 -17.52 80.17
CA LEU A 275 -35.47 -18.54 80.47
C LEU A 275 -35.26 -19.31 81.76
N LEU A 276 -34.24 -18.95 82.50
CA LEU A 276 -33.99 -19.61 83.77
C LEU A 276 -34.99 -19.00 84.74
N GLY A 277 -35.29 -17.72 84.51
CA GLY A 277 -36.24 -17.01 85.35
C GLY A 277 -37.64 -17.18 84.80
N SER A 278 -38.34 -18.21 85.25
CA SER A 278 -39.70 -18.48 84.78
C SER A 278 -40.56 -19.05 85.89
N ASP A 279 -41.87 -18.98 85.70
CA ASP A 279 -42.80 -19.50 86.67
C ASP A 279 -43.01 -20.99 86.42
N ASP A 280 -42.75 -21.41 85.18
CA ASP A 280 -42.90 -22.81 84.81
C ASP A 280 -41.61 -23.52 85.23
N ILE A 281 -41.75 -24.57 86.02
CA ILE A 281 -40.57 -25.30 86.50
C ILE A 281 -40.20 -26.47 85.59
N ASN A 282 -40.91 -26.60 84.46
CA ASN A 282 -40.60 -27.63 83.50
C ASN A 282 -39.74 -26.91 82.45
N VAL A 283 -39.90 -25.58 82.42
CA VAL A 283 -39.18 -24.72 81.50
C VAL A 283 -37.80 -24.43 82.06
N VAL A 284 -37.68 -24.46 83.38
CA VAL A 284 -36.40 -24.21 84.04
C VAL A 284 -35.53 -25.46 83.91
N THR A 285 -36.12 -26.61 84.20
CA THR A 285 -35.42 -27.89 84.12
C THR A 285 -34.85 -28.19 82.72
N CYS A 286 -35.67 -28.02 81.69
CA CYS A 286 -35.22 -28.26 80.32
C CYS A 286 -34.15 -27.27 79.89
N ALA A 287 -34.27 -26.04 80.36
CA ALA A 287 -33.31 -25.00 80.02
C ALA A 287 -31.97 -25.25 80.70
N ALA A 288 -32.02 -25.87 81.88
CA ALA A 288 -30.82 -26.17 82.64
C ALA A 288 -29.89 -27.12 81.89
N GLY A 289 -30.42 -28.30 81.54
CA GLY A 289 -29.64 -29.29 80.83
C GLY A 289 -29.03 -28.82 79.52
N ILE A 290 -29.78 -28.06 78.74
CA ILE A 290 -29.29 -27.56 77.46
C ILE A 290 -28.05 -26.68 77.63
N LEU A 291 -28.10 -25.75 78.59
CA LEU A 291 -26.96 -24.87 78.85
C LEU A 291 -25.79 -25.70 79.32
N SER A 292 -26.09 -26.80 80.00
CA SER A 292 -25.07 -27.71 80.49
C SER A 292 -24.32 -28.40 79.35
N ASN A 293 -25.05 -28.89 78.36
CA ASN A 293 -24.46 -29.58 77.20
C ASN A 293 -23.74 -28.69 76.19
N LEU A 294 -24.32 -27.56 75.83
CA LEU A 294 -23.69 -26.66 74.86
C LEU A 294 -22.44 -26.00 75.43
N THR A 295 -22.22 -26.16 76.72
CA THR A 295 -21.08 -25.56 77.39
C THR A 295 -19.83 -26.45 77.38
N CYS A 296 -19.95 -27.64 76.80
CA CYS A 296 -18.84 -28.57 76.73
C CYS A 296 -17.78 -28.22 75.69
N ASN A 297 -16.54 -28.12 76.17
CA ASN A 297 -15.36 -27.83 75.35
C ASN A 297 -15.43 -26.73 74.29
N ASN A 298 -16.27 -25.72 74.48
CA ASN A 298 -16.38 -24.64 73.50
C ASN A 298 -16.08 -23.29 74.14
N TYR A 299 -14.86 -22.78 73.90
CA TYR A 299 -14.44 -21.51 74.48
C TYR A 299 -15.28 -20.32 74.01
N LYS A 300 -15.85 -20.43 72.82
CA LYS A 300 -16.69 -19.36 72.29
C LYS A 300 -18.05 -19.30 72.99
N ASN A 301 -18.58 -20.46 73.36
CA ASN A 301 -19.88 -20.49 74.05
C ASN A 301 -19.70 -20.18 75.53
N LYS A 302 -18.58 -20.63 76.10
CA LYS A 302 -18.31 -20.38 77.52
C LYS A 302 -18.24 -18.91 77.86
N MET A 303 -17.51 -18.15 77.03
CA MET A 303 -17.37 -16.71 77.27
C MET A 303 -18.69 -15.96 77.13
N MET A 304 -19.37 -16.19 76.01
CA MET A 304 -20.66 -15.55 75.73
C MET A 304 -21.63 -15.65 76.90
N VAL A 305 -21.73 -16.83 77.49
CA VAL A 305 -22.61 -17.03 78.63
C VAL A 305 -22.14 -16.15 79.79
N CYS A 306 -20.83 -15.98 79.91
CA CYS A 306 -20.26 -15.16 80.97
C CYS A 306 -20.65 -13.68 80.82
N GLN A 307 -20.62 -13.17 79.59
CA GLN A 307 -20.94 -11.78 79.31
C GLN A 307 -22.38 -11.38 79.58
N VAL A 308 -23.30 -12.33 79.43
CA VAL A 308 -24.71 -12.03 79.65
C VAL A 308 -25.17 -12.36 81.06
N GLY A 309 -24.23 -12.45 81.99
CA GLY A 309 -24.56 -12.75 83.37
C GLY A 309 -25.04 -14.17 83.63
N GLY A 310 -24.36 -15.15 83.03
CA GLY A 310 -24.75 -16.53 83.22
C GLY A 310 -24.46 -17.09 84.59
N ILE A 311 -23.30 -16.74 85.16
CA ILE A 311 -22.92 -17.22 86.49
C ILE A 311 -23.95 -16.85 87.55
N GLU A 312 -24.23 -15.56 87.66
CA GLU A 312 -25.19 -15.05 88.63
C GLU A 312 -26.57 -15.70 88.53
N ALA A 313 -27.04 -15.89 87.29
CA ALA A 313 -28.34 -16.50 87.06
C ALA A 313 -28.40 -17.95 87.55
N LEU A 314 -27.38 -18.72 87.19
CA LEU A 314 -27.28 -20.13 87.56
C LEU A 314 -27.19 -20.39 89.07
N VAL A 315 -26.41 -19.58 89.78
CA VAL A 315 -26.27 -19.75 91.23
C VAL A 315 -27.66 -19.68 91.86
N ARG A 316 -28.43 -18.70 91.39
CA ARG A 316 -29.80 -18.47 91.87
C ARG A 316 -30.73 -19.64 91.57
N THR A 317 -30.48 -20.34 90.47
CA THR A 317 -31.32 -21.48 90.08
C THR A 317 -31.24 -22.62 91.09
N VAL A 318 -30.03 -22.90 91.55
CA VAL A 318 -29.80 -23.97 92.52
C VAL A 318 -30.42 -23.64 93.87
N LEU A 319 -30.41 -22.36 94.25
CA LEU A 319 -30.99 -21.93 95.53
C LEU A 319 -32.47 -22.22 95.68
N ARG A 320 -33.26 -21.93 94.64
CA ARG A 320 -34.69 -22.17 94.72
C ARG A 320 -35.09 -23.61 94.42
N ALA A 321 -34.21 -24.34 93.74
CA ALA A 321 -34.48 -25.73 93.39
C ALA A 321 -34.68 -26.64 94.61
N GLY A 322 -33.96 -26.34 95.69
CA GLY A 322 -34.08 -27.14 96.89
C GLY A 322 -33.49 -28.53 96.79
N ASP A 323 -34.29 -29.55 97.10
CA ASP A 323 -33.84 -30.94 97.06
C ASP A 323 -34.24 -31.66 95.77
N ARG A 324 -34.76 -30.91 94.81
CA ARG A 324 -35.16 -31.47 93.53
C ARG A 324 -33.90 -31.72 92.70
N GLU A 325 -33.43 -32.97 92.74
CA GLU A 325 -32.21 -33.38 92.05
C GLU A 325 -32.22 -33.44 90.53
N ASP A 326 -33.35 -33.12 89.90
CA ASP A 326 -33.40 -33.12 88.44
C ASP A 326 -33.15 -31.72 87.90
N ILE A 327 -32.93 -30.77 88.81
CA ILE A 327 -32.66 -29.39 88.43
C ILE A 327 -31.25 -29.03 88.88
N THR A 328 -30.93 -29.38 90.11
CA THR A 328 -29.63 -29.10 90.71
C THR A 328 -28.46 -29.75 89.97
N GLU A 329 -28.63 -31.01 89.59
CA GLU A 329 -27.59 -31.76 88.89
C GLU A 329 -27.09 -31.09 87.60
N PRO A 330 -27.98 -30.81 86.64
CA PRO A 330 -27.56 -30.17 85.40
C PRO A 330 -26.89 -28.81 85.60
N ALA A 331 -27.42 -28.03 86.54
CA ALA A 331 -26.89 -26.70 86.84
C ALA A 331 -25.46 -26.73 87.37
N ILE A 332 -25.21 -27.62 88.34
CA ILE A 332 -23.87 -27.75 88.92
C ILE A 332 -22.84 -28.13 87.86
N CYS A 333 -23.23 -28.99 86.93
CA CYS A 333 -22.33 -29.42 85.87
C CYS A 333 -22.05 -28.24 84.94
N ALA A 334 -22.99 -27.30 84.88
CA ALA A 334 -22.86 -26.12 84.02
C ALA A 334 -21.92 -25.07 84.60
N LEU A 335 -21.75 -25.08 85.91
CA LEU A 335 -20.85 -24.11 86.55
C LEU A 335 -19.45 -24.72 86.52
N ARG A 336 -19.40 -26.06 86.54
CA ARG A 336 -18.14 -26.80 86.51
C ARG A 336 -17.41 -26.59 85.19
N HIS A 337 -18.16 -26.63 84.09
CA HIS A 337 -17.59 -26.44 82.76
C HIS A 337 -17.04 -25.03 82.60
N LEU A 338 -17.83 -24.06 83.06
CA LEU A 338 -17.49 -22.64 82.96
C LEU A 338 -16.25 -22.19 83.73
N THR A 339 -15.98 -22.84 84.85
CA THR A 339 -14.81 -22.48 85.64
C THR A 339 -13.59 -23.29 85.19
N SER A 340 -13.39 -23.39 83.87
CA SER A 340 -12.26 -24.15 83.36
C SER A 340 -11.93 -24.03 81.86
N ARG A 341 -10.64 -23.89 81.59
CA ARG A 341 -10.06 -23.81 80.25
C ARG A 341 -10.49 -22.71 79.28
N HIS A 342 -10.13 -21.47 79.58
CA HIS A 342 -10.43 -20.32 78.72
C HIS A 342 -10.13 -19.00 79.40
N GLN A 343 -10.01 -17.94 78.60
CA GLN A 343 -9.69 -16.59 79.07
C GLN A 343 -10.46 -15.99 80.24
N GLU A 344 -11.72 -16.40 80.43
CA GLU A 344 -12.52 -15.85 81.53
C GLU A 344 -12.72 -16.84 82.67
N ALA A 345 -11.98 -17.95 82.63
CA ALA A 345 -12.07 -18.99 83.66
C ALA A 345 -11.77 -18.44 85.05
N GLU A 346 -10.98 -17.37 85.09
CA GLU A 346 -10.62 -16.71 86.34
C GLU A 346 -11.81 -15.89 86.85
N MET A 347 -12.35 -15.06 85.97
CA MET A 347 -13.50 -14.22 86.32
C MET A 347 -14.61 -15.12 86.86
N ALA A 348 -14.78 -16.26 86.19
CA ALA A 348 -15.79 -17.23 86.56
C ALA A 348 -15.66 -17.67 88.02
N GLN A 349 -14.46 -18.13 88.37
CA GLN A 349 -14.18 -18.59 89.73
C GLN A 349 -14.45 -17.51 90.77
N ASN A 350 -14.08 -16.27 90.46
CA ASN A 350 -14.28 -15.16 91.39
C ASN A 350 -15.75 -14.79 91.55
N ALA A 351 -16.49 -14.80 90.45
CA ALA A 351 -17.91 -14.45 90.47
C ALA A 351 -18.77 -15.35 91.35
N VAL A 352 -18.58 -16.66 91.26
CA VAL A 352 -19.38 -17.59 92.04
C VAL A 352 -19.36 -17.20 93.52
N ARG A 353 -18.25 -16.64 93.96
CA ARG A 353 -18.08 -16.19 95.34
C ARG A 353 -18.76 -14.83 95.50
N LEU A 354 -18.40 -13.91 94.61
CA LEU A 354 -18.95 -12.56 94.63
C LEU A 354 -20.47 -12.51 94.48
N HIS A 355 -21.10 -13.68 94.35
CA HIS A 355 -22.55 -13.74 94.22
C HIS A 355 -23.21 -14.64 95.26
N TYR A 356 -22.53 -14.80 96.39
CA TYR A 356 -23.03 -15.59 97.52
C TYR A 356 -23.41 -17.04 97.21
N GLY A 357 -22.56 -17.74 96.46
CA GLY A 357 -22.86 -19.12 96.10
C GLY A 357 -22.13 -20.22 96.84
N LEU A 358 -21.01 -19.89 97.47
CA LEU A 358 -20.22 -20.87 98.21
C LEU A 358 -20.98 -21.67 99.27
N PRO A 359 -21.87 -21.01 100.02
CA PRO A 359 -22.64 -21.72 101.06
C PRO A 359 -23.42 -22.93 100.54
N VAL A 360 -24.31 -22.70 99.58
CA VAL A 360 -25.14 -23.74 99.00
C VAL A 360 -24.39 -24.88 98.32
N VAL A 361 -23.22 -24.57 97.76
CA VAL A 361 -22.40 -25.57 97.07
C VAL A 361 -21.91 -26.69 98.01
N VAL A 362 -21.52 -26.32 99.23
CA VAL A 362 -21.04 -27.29 100.19
C VAL A 362 -22.18 -28.03 100.90
N LYS A 363 -23.40 -27.51 100.80
CA LYS A 363 -24.55 -28.15 101.44
C LYS A 363 -25.01 -29.39 100.68
N LEU A 364 -24.79 -29.40 99.36
CA LEU A 364 -25.20 -30.53 98.54
C LEU A 364 -24.32 -31.76 98.72
N LEU A 365 -23.23 -31.61 99.45
CA LEU A 365 -22.33 -32.73 99.71
C LEU A 365 -22.97 -33.64 100.75
N HIS A 366 -23.75 -33.06 101.65
CA HIS A 366 -24.42 -33.82 102.71
C HIS A 366 -25.68 -34.54 102.22
N PRO A 367 -26.13 -35.61 102.90
CA PRO A 367 -27.37 -36.33 102.50
C PRO A 367 -28.43 -35.15 102.52
N PRO A 368 -29.68 -35.31 101.96
CA PRO A 368 -30.38 -36.40 101.25
C PRO A 368 -29.72 -36.97 100.00
N SER A 369 -29.00 -36.09 99.32
CA SER A 369 -28.26 -36.41 98.10
C SER A 369 -27.78 -37.82 97.73
N HIS A 370 -27.68 -38.02 96.42
CA HIS A 370 -27.22 -39.29 95.84
C HIS A 370 -25.81 -39.21 95.20
N TRP A 371 -25.28 -40.35 94.78
CA TRP A 371 -23.95 -40.41 94.18
C TRP A 371 -23.70 -39.58 92.91
N PRO A 372 -24.59 -39.68 91.90
CA PRO A 372 -24.38 -38.89 90.68
C PRO A 372 -24.20 -37.40 90.95
N LEU A 373 -25.01 -36.86 91.86
CA LEU A 373 -24.95 -35.44 92.22
C LEU A 373 -23.71 -35.08 93.04
N ILE A 374 -23.39 -35.90 94.02
CA ILE A 374 -22.23 -35.67 94.88
C ILE A 374 -20.94 -35.70 94.06
N LYS A 375 -20.95 -36.49 92.99
CA LYS A 375 -19.78 -36.60 92.13
C LYS A 375 -19.46 -35.28 91.43
N ALA A 376 -20.49 -34.64 90.90
CA ALA A 376 -20.33 -33.38 90.19
C ALA A 376 -19.97 -32.18 91.08
N THR A 377 -20.38 -32.23 92.34
CA THR A 377 -20.09 -31.13 93.27
C THR A 377 -18.63 -31.12 93.73
N VAL A 378 -18.04 -32.31 93.85
CA VAL A 378 -16.64 -32.43 94.25
C VAL A 378 -15.78 -31.88 93.12
N GLY A 379 -16.28 -32.05 91.90
CA GLY A 379 -15.57 -31.57 90.72
C GLY A 379 -15.64 -30.06 90.61
N LEU A 380 -16.76 -29.49 91.03
CA LEU A 380 -16.92 -28.04 90.97
C LEU A 380 -16.00 -27.42 92.00
N ILE A 381 -15.93 -28.03 93.17
CA ILE A 381 -15.08 -27.54 94.26
C ILE A 381 -13.59 -27.55 93.93
N ARG A 382 -13.12 -28.53 93.16
CA ARG A 382 -11.70 -28.58 92.82
C ARG A 382 -11.31 -27.33 92.03
N ASN A 383 -12.12 -26.97 91.03
CA ASN A 383 -11.86 -25.80 90.21
C ASN A 383 -11.89 -24.50 91.00
N LEU A 384 -12.90 -24.35 91.84
CA LEU A 384 -13.08 -23.16 92.67
C LEU A 384 -11.89 -22.85 93.57
N ALA A 385 -11.16 -23.90 93.95
CA ALA A 385 -10.00 -23.74 94.84
C ALA A 385 -8.75 -23.21 94.13
N LEU A 386 -8.83 -23.05 92.81
CA LEU A 386 -7.69 -22.54 92.05
C LEU A 386 -7.52 -21.04 92.16
N CYS A 387 -8.49 -20.39 92.81
CA CYS A 387 -8.46 -18.95 93.02
C CYS A 387 -8.17 -18.69 94.49
N PRO A 388 -7.03 -18.02 94.80
CA PRO A 388 -6.62 -17.72 96.17
C PRO A 388 -7.73 -17.18 97.06
N ALA A 389 -8.46 -16.19 96.57
CA ALA A 389 -9.55 -15.57 97.32
C ALA A 389 -10.63 -16.53 97.83
N ASN A 390 -10.53 -17.81 97.44
CA ASN A 390 -11.51 -18.80 97.86
C ASN A 390 -10.98 -19.80 98.89
N HIS A 391 -9.69 -19.71 99.21
CA HIS A 391 -9.11 -20.63 100.19
C HIS A 391 -9.75 -20.50 101.57
N ALA A 392 -9.80 -19.28 102.08
CA ALA A 392 -10.38 -19.01 103.40
C ALA A 392 -11.89 -19.29 103.50
N PRO A 393 -12.69 -18.83 102.51
CA PRO A 393 -14.14 -19.03 102.50
C PRO A 393 -14.59 -20.48 102.56
N LEU A 394 -14.07 -21.29 101.66
CA LEU A 394 -14.42 -22.71 101.59
C LEU A 394 -14.17 -23.43 102.91
N ARG A 395 -13.12 -23.02 103.62
CA ARG A 395 -12.77 -23.64 104.89
C ARG A 395 -13.83 -23.36 105.95
N GLU A 396 -14.20 -22.09 106.09
CA GLU A 396 -15.19 -21.66 107.07
C GLU A 396 -16.56 -22.30 106.87
N GLN A 397 -16.89 -22.60 105.62
CA GLN A 397 -18.17 -23.24 105.36
C GLN A 397 -18.09 -24.67 105.89
N GLY A 398 -16.86 -25.15 106.06
CA GLY A 398 -16.65 -26.48 106.58
C GLY A 398 -16.71 -27.57 105.51
N ALA A 399 -15.84 -27.48 104.52
CA ALA A 399 -15.80 -28.46 103.44
C ALA A 399 -14.79 -29.57 103.71
N ILE A 400 -13.62 -29.19 104.23
CA ILE A 400 -12.56 -30.15 104.50
C ILE A 400 -13.02 -31.33 105.36
N PRO A 401 -13.66 -31.06 106.51
CA PRO A 401 -14.11 -32.18 107.36
C PRO A 401 -15.12 -33.10 106.66
N ARG A 402 -15.92 -32.56 105.75
CA ARG A 402 -16.90 -33.38 105.04
C ARG A 402 -16.30 -34.10 103.85
N LEU A 403 -15.31 -33.49 103.23
CA LEU A 403 -14.63 -34.09 102.07
C LEU A 403 -13.88 -35.34 102.52
N VAL A 404 -13.21 -35.25 103.65
CA VAL A 404 -12.46 -36.38 104.17
C VAL A 404 -13.42 -37.52 104.52
N GLN A 405 -14.53 -37.18 105.14
CA GLN A 405 -15.52 -38.18 105.54
C GLN A 405 -15.99 -39.04 104.36
N LEU A 406 -16.22 -38.41 103.21
CA LEU A 406 -16.67 -39.13 102.03
C LEU A 406 -15.58 -40.04 101.48
N LEU A 407 -14.33 -39.61 101.58
CA LEU A 407 -13.19 -40.38 101.08
C LEU A 407 -13.12 -41.77 101.72
N VAL A 408 -13.37 -41.80 103.02
CA VAL A 408 -13.32 -43.05 103.79
C VAL A 408 -14.32 -44.11 103.35
N ARG A 409 -15.61 -43.76 103.39
CA ARG A 409 -16.67 -44.70 103.01
C ARG A 409 -16.56 -45.22 101.58
N ALA A 410 -15.85 -44.48 100.74
CA ALA A 410 -15.69 -44.88 99.34
C ALA A 410 -14.54 -45.87 99.18
N HIS A 411 -13.47 -45.64 99.93
CA HIS A 411 -12.27 -46.48 99.88
C HIS A 411 -12.59 -47.97 99.92
N GLN A 412 -13.42 -48.38 100.88
CA GLN A 412 -13.79 -49.77 101.06
C GLN A 412 -14.70 -50.38 100.00
N ASP A 413 -15.93 -49.89 99.90
CA ASP A 413 -16.89 -50.40 98.92
C ASP A 413 -16.22 -50.88 97.63
N VAL A 428 -22.23 -48.81 92.07
CA VAL A 428 -23.33 -48.52 92.98
C VAL A 428 -24.04 -47.24 92.53
N GLU A 429 -25.33 -47.38 92.21
CA GLU A 429 -26.15 -46.26 91.76
C GLU A 429 -25.75 -45.78 90.37
N GLY A 430 -24.65 -46.32 89.85
CA GLY A 430 -24.17 -45.94 88.54
C GLY A 430 -22.83 -45.26 88.63
N VAL A 431 -22.27 -45.24 89.85
CA VAL A 431 -20.99 -44.60 90.11
C VAL A 431 -19.93 -45.56 90.66
N ARG A 432 -18.72 -45.52 90.09
CA ARG A 432 -17.63 -46.37 90.56
C ARG A 432 -17.07 -45.69 91.79
N MET A 433 -16.83 -46.46 92.85
CA MET A 433 -16.31 -45.88 94.07
C MET A 433 -14.87 -45.38 93.94
N GLU A 434 -14.15 -45.83 92.91
CA GLU A 434 -12.77 -45.40 92.73
C GLU A 434 -12.73 -43.96 92.22
N GLU A 435 -13.81 -43.52 91.59
CA GLU A 435 -13.88 -42.16 91.05
C GLU A 435 -14.03 -41.17 92.21
N ILE A 436 -14.91 -41.51 93.16
CA ILE A 436 -15.15 -40.67 94.33
C ILE A 436 -13.87 -40.50 95.13
N VAL A 437 -12.97 -41.47 95.01
CA VAL A 437 -11.71 -41.44 95.73
C VAL A 437 -10.65 -40.60 95.01
N GLU A 438 -10.65 -40.65 93.69
CA GLU A 438 -9.67 -39.88 92.91
C GLU A 438 -10.00 -38.39 92.94
N GLY A 439 -11.30 -38.07 92.94
CA GLY A 439 -11.72 -36.69 92.98
C GLY A 439 -11.52 -36.05 94.34
N CYS A 440 -11.94 -36.74 95.39
CA CYS A 440 -11.80 -36.24 96.75
C CYS A 440 -10.36 -35.88 97.12
N THR A 441 -9.41 -36.73 96.74
CA THR A 441 -8.00 -36.49 97.05
C THR A 441 -7.48 -35.26 96.32
N GLY A 442 -7.82 -35.14 95.04
CA GLY A 442 -7.37 -34.00 94.25
C GLY A 442 -7.92 -32.68 94.78
N ALA A 443 -9.05 -32.76 95.50
CA ALA A 443 -9.68 -31.58 96.08
C ALA A 443 -8.80 -31.08 97.21
N LEU A 444 -8.44 -31.98 98.12
CA LEU A 444 -7.59 -31.66 99.26
C LEU A 444 -6.20 -31.22 98.81
N HIS A 445 -5.76 -31.77 97.68
CA HIS A 445 -4.44 -31.46 97.12
C HIS A 445 -4.30 -29.96 96.86
N ILE A 446 -5.29 -29.36 96.23
CA ILE A 446 -5.24 -27.93 95.90
C ILE A 446 -5.48 -27.02 97.11
N LEU A 447 -6.39 -27.43 97.99
CA LEU A 447 -6.68 -26.64 99.18
C LEU A 447 -5.45 -26.50 100.08
N ALA A 448 -4.66 -27.56 100.17
CA ALA A 448 -3.46 -27.59 101.00
C ALA A 448 -2.42 -26.52 100.65
N ARG A 449 -2.78 -25.60 99.76
CA ARG A 449 -1.87 -24.53 99.36
C ARG A 449 -1.81 -23.43 100.43
N ASP A 450 -2.81 -23.43 101.31
CA ASP A 450 -2.89 -22.46 102.39
C ASP A 450 -2.56 -23.15 103.71
N VAL A 451 -1.61 -22.58 104.45
CA VAL A 451 -1.18 -23.15 105.72
C VAL A 451 -2.33 -23.55 106.66
N HIS A 452 -3.29 -22.66 106.86
CA HIS A 452 -4.42 -22.93 107.74
C HIS A 452 -5.08 -24.27 107.43
N ASN A 453 -5.34 -24.53 106.15
CA ASN A 453 -5.99 -25.77 105.75
C ASN A 453 -5.12 -26.99 106.06
N ARG A 454 -3.81 -26.85 105.94
CA ARG A 454 -2.91 -27.95 106.20
C ARG A 454 -2.99 -28.42 107.65
N ILE A 455 -3.04 -27.47 108.59
CA ILE A 455 -3.13 -27.80 110.01
C ILE A 455 -4.41 -28.56 110.32
N VAL A 456 -5.46 -28.28 109.55
CA VAL A 456 -6.75 -28.92 109.74
C VAL A 456 -6.74 -30.35 109.18
N ILE A 457 -6.32 -30.46 107.93
CA ILE A 457 -6.25 -31.74 107.24
C ILE A 457 -5.41 -32.75 108.02
N ARG A 458 -4.20 -32.34 108.40
CA ARG A 458 -3.28 -33.20 109.14
C ARG A 458 -3.89 -33.70 110.45
N GLY A 459 -4.55 -32.80 111.17
CA GLY A 459 -5.15 -33.15 112.44
C GLY A 459 -6.44 -33.95 112.35
N LEU A 460 -6.49 -34.89 111.42
CA LEU A 460 -7.66 -35.74 111.25
C LEU A 460 -7.23 -37.18 111.02
N ASN A 461 -6.00 -37.48 111.41
CA ASN A 461 -5.46 -38.83 111.26
C ASN A 461 -5.68 -39.26 109.81
N THR A 462 -5.28 -38.41 108.88
CA THR A 462 -5.47 -38.70 107.45
C THR A 462 -4.24 -39.35 106.82
N ILE A 463 -3.05 -38.96 107.28
CA ILE A 463 -1.80 -39.48 106.75
C ILE A 463 -1.73 -40.98 106.47
N PRO A 464 -2.14 -41.82 107.43
CA PRO A 464 -2.09 -43.26 107.18
C PRO A 464 -2.83 -43.68 105.92
N LEU A 465 -3.98 -43.05 105.66
CA LEU A 465 -4.76 -43.35 104.47
C LEU A 465 -4.05 -42.87 103.20
N PHE A 466 -3.60 -41.61 103.21
CA PHE A 466 -2.91 -41.04 102.05
C PHE A 466 -1.75 -41.94 101.63
N VAL A 467 -1.05 -42.50 102.62
CA VAL A 467 0.09 -43.37 102.36
C VAL A 467 -0.38 -44.67 101.70
N GLN A 468 -1.57 -45.12 102.06
CA GLN A 468 -2.11 -46.35 101.49
C GLN A 468 -2.51 -46.21 100.03
N LEU A 469 -2.77 -44.98 99.60
CA LEU A 469 -3.17 -44.75 98.21
C LEU A 469 -1.98 -44.88 97.29
N LEU A 470 -0.78 -44.87 97.85
CA LEU A 470 0.44 -45.01 97.06
C LEU A 470 0.47 -46.38 96.38
N TYR A 471 -0.28 -47.32 96.96
CA TYR A 471 -0.35 -48.69 96.48
C TYR A 471 -1.43 -48.95 95.42
N SER A 472 -2.08 -47.90 94.94
CA SER A 472 -3.14 -48.07 93.94
C SER A 472 -2.62 -48.37 92.53
N PRO A 473 -3.38 -49.18 91.78
CA PRO A 473 -3.03 -49.58 90.40
C PRO A 473 -3.44 -48.50 89.40
N ILE A 474 -3.99 -47.41 89.92
CA ILE A 474 -4.45 -46.29 89.10
C ILE A 474 -3.49 -45.10 89.21
N GLU A 475 -2.74 -44.85 88.14
CA GLU A 475 -1.77 -43.76 88.10
C GLU A 475 -2.33 -42.41 88.54
N ASN A 476 -3.55 -42.10 88.14
CA ASN A 476 -4.19 -40.84 88.49
C ASN A 476 -4.18 -40.62 90.00
N ILE A 477 -4.63 -41.64 90.74
CA ILE A 477 -4.68 -41.57 92.19
C ILE A 477 -3.29 -41.44 92.81
N GLN A 478 -2.29 -41.99 92.12
CA GLN A 478 -0.91 -41.93 92.60
C GLN A 478 -0.35 -40.52 92.60
N ARG A 479 -0.63 -39.75 91.54
CA ARG A 479 -0.12 -38.40 91.43
C ARG A 479 -0.66 -37.48 92.53
N VAL A 480 -1.99 -37.39 92.65
CA VAL A 480 -2.58 -36.54 93.68
C VAL A 480 -2.33 -37.02 95.12
N ALA A 481 -2.08 -38.32 95.29
CA ALA A 481 -1.82 -38.86 96.63
C ALA A 481 -0.41 -38.42 97.05
N ALA A 482 0.54 -38.55 96.14
CA ALA A 482 1.92 -38.15 96.40
C ALA A 482 2.00 -36.63 96.39
N GLY A 483 1.01 -36.00 95.77
CA GLY A 483 0.96 -34.55 95.71
C GLY A 483 0.57 -33.92 97.04
N VAL A 484 -0.53 -34.39 97.61
CA VAL A 484 -1.01 -33.87 98.89
C VAL A 484 0.06 -34.10 99.97
N LEU A 485 0.79 -35.21 99.84
CA LEU A 485 1.84 -35.51 100.79
C LEU A 485 3.00 -34.53 100.61
N CYS A 486 3.27 -34.16 99.37
CA CYS A 486 4.34 -33.22 99.07
C CYS A 486 4.04 -31.87 99.71
N GLU A 487 2.77 -31.52 99.78
CA GLU A 487 2.34 -30.26 100.38
C GLU A 487 2.51 -30.26 101.90
N LEU A 488 1.94 -31.26 102.55
CA LEU A 488 2.00 -31.35 104.00
C LEU A 488 3.41 -31.59 104.54
N ALA A 489 4.25 -32.24 103.74
CA ALA A 489 5.61 -32.55 104.14
C ALA A 489 6.56 -31.35 104.28
N GLN A 490 6.11 -30.16 103.89
CA GLN A 490 6.97 -28.97 103.99
C GLN A 490 7.05 -28.46 105.43
N ASP A 491 6.60 -29.27 106.37
CA ASP A 491 6.63 -28.93 107.78
C ASP A 491 7.20 -30.08 108.63
N LYS A 492 8.35 -29.80 109.26
CA LYS A 492 9.07 -30.75 110.11
C LYS A 492 8.22 -31.85 110.75
N GLU A 493 7.38 -31.49 111.72
CA GLU A 493 6.52 -32.46 112.38
C GLU A 493 5.81 -33.37 111.39
N ALA A 494 5.14 -32.74 110.42
CA ALA A 494 4.40 -33.47 109.40
C ALA A 494 5.27 -34.48 108.68
N ALA A 495 6.40 -34.02 108.16
CA ALA A 495 7.31 -34.91 107.44
C ALA A 495 7.66 -36.14 108.28
N GLU A 496 8.08 -35.89 109.52
CA GLU A 496 8.44 -36.97 110.44
C GLU A 496 7.35 -38.02 110.61
N ALA A 497 6.11 -37.57 110.75
CA ALA A 497 4.98 -38.46 110.92
C ALA A 497 4.74 -39.31 109.67
N ILE A 498 5.07 -38.74 108.51
CA ILE A 498 4.88 -39.46 107.26
C ILE A 498 5.91 -40.57 107.14
N GLU A 499 7.15 -40.25 107.45
CA GLU A 499 8.23 -41.23 107.37
C GLU A 499 8.03 -42.35 108.39
N ALA A 500 7.30 -42.05 109.46
CA ALA A 500 7.04 -43.03 110.50
C ALA A 500 6.05 -44.11 110.07
N GLU A 501 5.20 -43.79 109.10
CA GLU A 501 4.23 -44.75 108.60
C GLU A 501 4.90 -45.76 107.67
N GLY A 502 5.96 -45.31 106.99
CA GLY A 502 6.69 -46.19 106.09
C GLY A 502 6.49 -45.87 104.61
N ALA A 503 6.36 -44.59 104.30
CA ALA A 503 6.15 -44.16 102.92
C ALA A 503 7.44 -44.25 102.11
N THR A 504 8.58 -44.36 102.79
CA THR A 504 9.87 -44.44 102.11
C THR A 504 9.95 -45.64 101.17
N ALA A 505 9.28 -46.73 101.54
CA ALA A 505 9.29 -47.92 100.70
C ALA A 505 8.59 -47.67 99.37
N PRO A 506 7.29 -47.35 99.38
CA PRO A 506 6.61 -47.11 98.10
C PRO A 506 7.14 -45.91 97.31
N LEU A 507 7.47 -44.83 98.01
CA LEU A 507 7.98 -43.63 97.36
C LEU A 507 9.19 -43.85 96.46
N THR A 508 10.03 -44.82 96.80
CA THR A 508 11.22 -45.11 96.02
C THR A 508 10.86 -45.77 94.69
N GLU A 509 9.88 -46.66 94.73
CA GLU A 509 9.42 -47.36 93.52
C GLU A 509 8.77 -46.40 92.53
N LEU A 510 8.06 -45.39 93.04
CA LEU A 510 7.38 -44.41 92.20
C LEU A 510 8.34 -43.41 91.57
N LEU A 511 9.62 -43.49 91.93
CA LEU A 511 10.63 -42.61 91.37
C LEU A 511 10.88 -42.98 89.92
N HIS A 512 10.77 -44.28 89.66
CA HIS A 512 11.04 -44.83 88.34
C HIS A 512 9.82 -44.91 87.42
N SER A 513 8.76 -44.18 87.76
CA SER A 513 7.55 -44.18 86.96
C SER A 513 7.81 -43.37 85.69
N ARG A 514 7.18 -43.75 84.59
CA ARG A 514 7.36 -43.02 83.33
C ARG A 514 6.33 -41.90 83.25
N ASN A 515 5.57 -41.74 84.33
CA ASN A 515 4.57 -40.68 84.44
C ASN A 515 5.33 -39.53 85.09
N GLU A 516 5.80 -38.59 84.28
CA GLU A 516 6.56 -37.45 84.79
C GLU A 516 5.88 -36.72 85.94
N GLY A 517 4.61 -37.01 86.15
CA GLY A 517 3.87 -36.37 87.24
C GLY A 517 3.99 -37.17 88.52
N VAL A 518 3.74 -38.47 88.43
CA VAL A 518 3.83 -39.36 89.58
C VAL A 518 5.28 -39.43 90.04
N ALA A 519 6.19 -39.15 89.13
CA ALA A 519 7.62 -39.18 89.44
C ALA A 519 8.08 -37.88 90.10
N THR A 520 7.91 -36.76 89.39
CA THR A 520 8.33 -35.46 89.91
C THR A 520 7.88 -35.26 91.36
N TYR A 521 6.72 -35.80 91.70
CA TYR A 521 6.19 -35.66 93.05
C TYR A 521 6.79 -36.61 94.09
N ALA A 522 7.23 -37.79 93.64
CA ALA A 522 7.82 -38.77 94.55
C ALA A 522 9.22 -38.33 94.96
N ALA A 523 9.85 -37.52 94.11
CA ALA A 523 11.20 -37.01 94.38
C ALA A 523 11.14 -35.84 95.36
N ALA A 524 10.04 -35.11 95.33
CA ALA A 524 9.83 -33.96 96.20
C ALA A 524 9.59 -34.35 97.66
N VAL A 525 8.68 -35.29 97.87
CA VAL A 525 8.37 -35.76 99.22
C VAL A 525 9.58 -36.34 99.94
N LEU A 526 10.41 -37.06 99.20
CA LEU A 526 11.61 -37.67 99.77
C LEU A 526 12.65 -36.61 100.11
N PHE A 527 12.75 -35.58 99.26
CA PHE A 527 13.69 -34.49 99.45
C PHE A 527 13.36 -33.74 100.74
N ARG A 528 12.08 -33.41 100.90
CA ARG A 528 11.63 -32.67 102.07
C ARG A 528 11.77 -33.42 103.39
N MET A 529 11.47 -34.71 103.40
CA MET A 529 11.61 -35.47 104.64
C MET A 529 13.03 -36.00 104.76
N SER A 530 13.99 -35.12 104.49
CA SER A 530 15.41 -35.47 104.56
C SER A 530 16.25 -34.23 104.23
N THR B 17 8.55 86.57 -62.51
CA THR B 17 9.84 87.29 -62.32
C THR B 17 9.78 88.19 -61.09
N ARG B 18 8.58 88.33 -60.54
CA ARG B 18 8.35 89.15 -59.35
C ARG B 18 7.90 88.17 -58.26
N ALA B 19 7.39 87.02 -58.71
CA ALA B 19 6.92 85.98 -57.81
C ALA B 19 8.07 85.15 -57.24
N ILE B 20 8.95 84.69 -58.13
CA ILE B 20 10.10 83.87 -57.76
C ILE B 20 10.80 84.32 -56.48
N PRO B 21 11.17 85.62 -56.38
CA PRO B 21 11.85 86.13 -55.19
C PRO B 21 11.03 86.00 -53.90
N GLU B 22 9.71 85.97 -54.04
CA GLU B 22 8.82 85.85 -52.89
C GLU B 22 8.67 84.40 -52.43
N LEU B 23 8.57 83.47 -53.38
CA LEU B 23 8.43 82.05 -53.06
C LEU B 23 9.71 81.50 -52.48
N THR B 24 10.84 81.91 -53.04
CA THR B 24 12.13 81.47 -52.55
C THR B 24 12.17 81.66 -51.04
N LYS B 25 11.82 82.87 -50.60
CA LYS B 25 11.82 83.22 -49.19
C LYS B 25 10.88 82.37 -48.33
N LEU B 26 9.67 82.13 -48.84
CA LEU B 26 8.70 81.34 -48.10
C LEU B 26 9.13 79.90 -47.86
N LEU B 27 9.97 79.36 -48.74
CA LEU B 27 10.46 78.00 -48.55
C LEU B 27 11.55 78.06 -47.48
N ASN B 28 12.02 79.26 -47.18
CA ASN B 28 13.08 79.46 -46.21
C ASN B 28 12.72 80.07 -44.84
N ASP B 29 11.79 79.49 -44.09
CA ASP B 29 11.45 80.07 -42.79
C ASP B 29 11.77 79.16 -41.60
N GLU B 30 11.18 79.49 -40.45
CA GLU B 30 11.36 78.73 -39.22
C GLU B 30 10.18 77.78 -39.07
N ASP B 31 9.01 78.33 -39.37
CA ASP B 31 7.73 77.64 -39.27
C ASP B 31 7.47 76.71 -40.46
N GLN B 32 7.32 75.42 -40.17
CA GLN B 32 7.10 74.41 -41.20
C GLN B 32 5.69 74.25 -41.74
N VAL B 33 4.92 75.33 -41.78
CA VAL B 33 3.58 75.26 -42.35
C VAL B 33 3.67 76.10 -43.60
N VAL B 34 4.52 77.11 -43.49
CA VAL B 34 4.78 78.05 -44.56
C VAL B 34 5.57 77.36 -45.66
N VAL B 35 6.55 76.56 -45.26
CA VAL B 35 7.40 75.83 -46.19
C VAL B 35 6.65 74.67 -46.83
N ASN B 36 5.75 74.06 -46.07
CA ASN B 36 4.97 72.94 -46.58
C ASN B 36 3.92 73.44 -47.58
N LYS B 37 3.35 74.62 -47.31
CA LYS B 37 2.34 75.19 -48.19
C LYS B 37 2.94 75.94 -49.38
N ALA B 38 4.20 76.30 -49.26
CA ALA B 38 4.89 77.01 -50.33
C ALA B 38 5.36 76.03 -51.39
N ALA B 39 5.68 74.81 -50.95
CA ALA B 39 6.15 73.77 -51.85
C ALA B 39 5.05 73.43 -52.84
N VAL B 40 3.83 73.28 -52.33
CA VAL B 40 2.69 72.94 -53.16
C VAL B 40 2.49 73.99 -54.25
N MET B 41 2.78 75.25 -53.94
CA MET B 41 2.63 76.32 -54.91
C MET B 41 3.69 76.21 -56.02
N VAL B 42 4.95 76.16 -55.61
CA VAL B 42 6.06 76.04 -56.56
C VAL B 42 5.86 74.84 -57.48
N HIS B 43 5.30 73.76 -56.92
CA HIS B 43 5.07 72.56 -57.70
C HIS B 43 4.16 72.75 -58.90
N GLN B 44 3.02 73.39 -58.72
CA GLN B 44 2.12 73.61 -59.85
C GLN B 44 2.75 74.47 -60.93
N LEU B 45 3.63 75.40 -60.51
CA LEU B 45 4.30 76.28 -61.48
C LEU B 45 5.15 75.53 -62.50
N SER B 46 5.90 74.55 -62.02
CA SER B 46 6.78 73.77 -62.88
C SER B 46 6.06 73.09 -64.06
N LYS B 47 4.74 73.17 -64.09
CA LYS B 47 3.96 72.55 -65.16
C LYS B 47 3.63 73.52 -66.28
N LYS B 48 3.86 74.82 -66.03
CA LYS B 48 3.58 75.84 -67.02
C LYS B 48 4.79 76.05 -67.92
N GLU B 49 4.57 76.00 -69.23
CA GLU B 49 5.62 76.15 -70.23
C GLU B 49 6.60 77.29 -70.04
N ALA B 50 6.16 78.40 -69.46
CA ALA B 50 7.03 79.55 -69.27
C ALA B 50 7.48 79.76 -67.83
N SER B 51 6.80 79.13 -66.89
CA SER B 51 7.16 79.27 -65.48
C SER B 51 8.51 78.62 -65.23
N ARG B 52 8.74 77.48 -65.87
CA ARG B 52 9.98 76.74 -65.72
C ARG B 52 11.20 77.58 -66.09
N HIS B 53 11.17 78.18 -67.27
CA HIS B 53 12.29 79.01 -67.73
C HIS B 53 12.66 80.08 -66.69
N ALA B 54 11.65 80.55 -65.97
CA ALA B 54 11.86 81.56 -64.93
C ALA B 54 12.44 80.92 -63.68
N ILE B 55 12.04 79.68 -63.43
CA ILE B 55 12.52 78.93 -62.27
C ILE B 55 13.95 78.44 -62.44
N MET B 56 14.28 78.03 -63.67
CA MET B 56 15.63 77.53 -63.96
C MET B 56 16.71 78.58 -63.72
N ARG B 57 16.64 79.68 -64.44
CA ARG B 57 17.64 80.74 -64.32
C ARG B 57 17.67 81.39 -62.95
N SER B 58 17.25 80.66 -61.93
CA SER B 58 17.26 81.17 -60.57
C SER B 58 18.15 80.31 -59.69
N PRO B 59 19.47 80.59 -59.71
CA PRO B 59 20.45 79.84 -58.91
C PRO B 59 20.00 79.71 -57.46
N GLN B 60 18.96 80.45 -57.10
CA GLN B 60 18.45 80.39 -55.75
C GLN B 60 17.29 79.41 -55.62
N MET B 61 16.18 79.76 -56.25
CA MET B 61 14.97 78.94 -56.24
C MET B 61 15.35 77.45 -56.23
N VAL B 62 16.22 77.06 -57.15
CA VAL B 62 16.66 75.68 -57.28
C VAL B 62 17.33 75.12 -56.02
N SER B 63 18.16 75.92 -55.36
CA SER B 63 18.87 75.50 -54.15
C SER B 63 17.89 75.21 -53.01
N ALA B 64 17.05 76.20 -52.71
CA ALA B 64 16.07 76.08 -51.65
C ALA B 64 15.22 74.83 -51.84
N ILE B 65 14.88 74.55 -53.09
CA ILE B 65 14.06 73.39 -53.43
C ILE B 65 14.68 72.05 -53.03
N VAL B 66 16.00 71.94 -53.19
CA VAL B 66 16.73 70.72 -52.88
C VAL B 66 16.85 70.44 -51.38
N ARG B 67 17.26 71.45 -50.61
CA ARG B 67 17.42 71.27 -49.17
C ARG B 67 16.10 71.01 -48.45
N THR B 68 14.99 71.35 -49.11
CA THR B 68 13.68 71.12 -48.52
C THR B 68 13.33 69.65 -48.69
N MET B 69 13.41 69.17 -49.92
CA MET B 69 13.11 67.77 -50.23
C MET B 69 14.02 66.89 -49.40
N GLN B 70 15.19 67.41 -49.07
CA GLN B 70 16.20 66.69 -48.31
C GLN B 70 16.01 66.68 -46.80
N ASN B 71 15.50 67.77 -46.24
CA ASN B 71 15.33 67.85 -44.79
C ASN B 71 13.90 67.77 -44.26
N THR B 72 12.91 67.80 -45.14
CA THR B 72 11.51 67.74 -44.69
C THR B 72 11.22 66.45 -43.93
N ASN B 73 10.06 66.41 -43.28
CA ASN B 73 9.64 65.25 -42.50
C ASN B 73 8.21 64.87 -42.87
N ASP B 74 7.55 65.70 -43.67
CA ASP B 74 6.19 65.44 -44.10
C ASP B 74 6.24 64.63 -45.38
N VAL B 75 5.16 63.92 -45.70
CA VAL B 75 5.12 63.10 -46.90
C VAL B 75 4.88 63.88 -48.18
N GLU B 76 3.73 64.54 -48.27
CA GLU B 76 3.41 65.29 -49.48
C GLU B 76 4.40 66.40 -49.84
N THR B 77 5.08 66.96 -48.85
CA THR B 77 6.06 68.01 -49.13
C THR B 77 7.15 67.35 -49.96
N ALA B 78 7.41 66.08 -49.68
CA ALA B 78 8.42 65.30 -50.39
C ALA B 78 7.83 64.94 -51.75
N ARG B 79 6.61 64.43 -51.73
CA ARG B 79 5.94 64.03 -52.96
C ARG B 79 5.69 65.23 -53.88
N CYS B 80 5.95 66.44 -53.39
CA CYS B 80 5.78 67.67 -54.17
C CYS B 80 7.09 68.29 -54.61
N THR B 81 8.14 68.09 -53.80
CA THR B 81 9.45 68.63 -54.11
C THR B 81 10.17 67.71 -55.10
N ALA B 82 9.87 66.42 -55.00
CA ALA B 82 10.48 65.43 -55.88
C ALA B 82 9.92 65.66 -57.29
N GLY B 83 8.61 65.89 -57.37
CA GLY B 83 7.98 66.12 -58.65
C GLY B 83 8.50 67.35 -59.36
N THR B 84 8.80 68.40 -58.59
CA THR B 84 9.30 69.65 -59.15
C THR B 84 10.63 69.47 -59.88
N LEU B 85 11.56 68.76 -59.26
CA LEU B 85 12.87 68.52 -59.86
C LEU B 85 12.75 67.61 -61.09
N HIS B 86 11.85 66.65 -61.02
CA HIS B 86 11.63 65.72 -62.12
C HIS B 86 11.24 66.43 -63.41
N ASN B 87 10.45 67.51 -63.27
CA ASN B 87 10.02 68.30 -64.42
C ASN B 87 11.12 69.19 -64.96
N LEU B 88 12.04 69.58 -64.08
CA LEU B 88 13.16 70.44 -64.46
C LEU B 88 14.22 69.67 -65.23
N SER B 89 14.16 68.34 -65.15
CA SER B 89 15.14 67.47 -65.81
C SER B 89 14.89 67.23 -67.30
N HIS B 90 13.71 67.61 -67.78
CA HIS B 90 13.36 67.42 -69.18
C HIS B 90 14.04 68.42 -70.11
N HIS B 91 14.85 69.30 -69.55
CA HIS B 91 15.56 70.31 -70.34
C HIS B 91 17.04 70.44 -69.97
N ARG B 92 17.88 70.64 -70.98
CA ARG B 92 19.32 70.75 -70.79
C ARG B 92 19.72 71.89 -69.84
N GLU B 93 18.95 72.97 -69.84
CA GLU B 93 19.25 74.11 -68.96
C GLU B 93 18.89 73.77 -67.52
N GLY B 94 17.83 72.97 -67.36
CA GLY B 94 17.37 72.57 -66.03
C GLY B 94 18.23 71.51 -65.37
N LEU B 95 18.94 70.72 -66.17
CA LEU B 95 19.80 69.68 -65.62
C LEU B 95 21.05 70.30 -65.03
N LEU B 96 21.68 71.20 -65.78
CA LEU B 96 22.90 71.87 -65.35
C LEU B 96 22.66 72.60 -64.02
N ALA B 97 21.43 73.05 -63.81
CA ALA B 97 21.08 73.76 -62.58
C ALA B 97 20.94 72.79 -61.42
N ILE B 98 20.22 71.70 -61.63
CA ILE B 98 20.05 70.70 -60.59
C ILE B 98 21.42 70.20 -60.17
N PHE B 99 22.32 70.10 -61.14
CA PHE B 99 23.67 69.64 -60.90
C PHE B 99 24.46 70.55 -59.95
N LYS B 100 24.52 71.84 -60.28
CA LYS B 100 25.25 72.81 -59.48
C LYS B 100 24.74 72.97 -58.05
N SER B 101 23.42 72.85 -57.87
CA SER B 101 22.81 73.00 -56.56
C SER B 101 22.99 71.80 -55.64
N GLY B 102 23.82 70.85 -56.05
CA GLY B 102 24.06 69.66 -55.25
C GLY B 102 22.80 68.84 -55.01
N GLY B 103 22.08 68.53 -56.08
CA GLY B 103 20.86 67.76 -55.95
C GLY B 103 20.96 66.25 -56.00
N ILE B 104 22.05 65.71 -56.53
CA ILE B 104 22.21 64.26 -56.63
C ILE B 104 22.32 63.54 -55.28
N PRO B 105 23.18 64.03 -54.37
CA PRO B 105 23.29 63.34 -53.09
C PRO B 105 21.92 63.23 -52.44
N ALA B 106 21.10 64.25 -52.63
CA ALA B 106 19.75 64.32 -52.09
C ALA B 106 18.82 63.31 -52.76
N LEU B 107 18.92 63.20 -54.08
CA LEU B 107 18.07 62.28 -54.83
C LEU B 107 18.30 60.83 -54.38
N VAL B 108 19.56 60.47 -54.16
CA VAL B 108 19.91 59.12 -53.72
C VAL B 108 19.25 58.84 -52.37
N LYS B 109 19.33 59.82 -51.47
CA LYS B 109 18.74 59.69 -50.14
C LYS B 109 17.28 59.27 -50.22
N MET B 110 16.57 59.82 -51.20
CA MET B 110 15.16 59.54 -51.41
C MET B 110 14.87 58.11 -51.86
N LEU B 111 15.90 57.41 -52.30
CA LEU B 111 15.74 56.03 -52.76
C LEU B 111 15.40 55.03 -51.66
N GLY B 112 15.20 55.55 -50.44
CA GLY B 112 14.87 54.68 -49.33
C GLY B 112 13.45 54.87 -48.82
N SER B 113 12.68 55.70 -49.51
CA SER B 113 11.29 55.99 -49.10
C SER B 113 10.34 54.80 -49.27
N PRO B 114 9.35 54.68 -48.36
CA PRO B 114 8.36 53.60 -48.41
C PRO B 114 7.18 54.05 -49.25
N VAL B 115 7.27 55.29 -49.74
CA VAL B 115 6.21 55.87 -50.57
C VAL B 115 6.51 55.57 -52.04
N ASP B 116 5.53 54.97 -52.73
CA ASP B 116 5.70 54.61 -54.13
C ASP B 116 5.96 55.80 -55.05
N SER B 117 5.06 56.77 -55.03
CA SER B 117 5.19 57.96 -55.88
C SER B 117 6.56 58.61 -55.73
N VAL B 118 7.01 58.80 -54.49
CA VAL B 118 8.31 59.42 -54.23
C VAL B 118 9.48 58.57 -54.74
N LEU B 119 9.33 57.25 -54.61
CA LEU B 119 10.36 56.31 -55.04
C LEU B 119 10.43 56.29 -56.58
N PHE B 120 9.30 56.04 -57.22
CA PHE B 120 9.23 55.97 -58.66
C PHE B 120 9.54 57.31 -59.38
N TYR B 121 9.67 58.40 -58.61
CA TYR B 121 10.00 59.72 -59.19
C TYR B 121 11.51 59.93 -59.22
N ALA B 122 12.12 59.84 -58.04
CA ALA B 122 13.55 60.03 -57.87
C ALA B 122 14.43 59.23 -58.83
N ILE B 123 14.10 57.96 -58.99
CA ILE B 123 14.86 57.07 -59.88
C ILE B 123 14.90 57.57 -61.33
N THR B 124 13.77 58.11 -61.79
CA THR B 124 13.67 58.61 -63.16
C THR B 124 14.43 59.92 -63.38
N THR B 125 14.59 60.71 -62.32
CA THR B 125 15.31 61.97 -62.44
C THR B 125 16.79 61.63 -62.54
N LEU B 126 17.21 60.62 -61.78
CA LEU B 126 18.60 60.16 -61.79
C LEU B 126 18.95 59.54 -63.14
N HIS B 127 18.03 58.76 -63.68
CA HIS B 127 18.21 58.10 -64.98
C HIS B 127 18.49 59.17 -66.04
N ASN B 128 17.77 60.28 -65.98
CA ASN B 128 17.95 61.37 -66.93
C ASN B 128 19.32 62.02 -66.75
N LEU B 129 19.71 62.26 -65.50
CA LEU B 129 20.99 62.88 -65.19
C LEU B 129 22.16 62.04 -65.66
N LEU B 130 22.05 60.73 -65.50
CA LEU B 130 23.11 59.81 -65.91
C LEU B 130 23.29 59.83 -67.43
N LEU B 131 22.18 60.02 -68.14
CA LEU B 131 22.23 60.05 -69.60
C LEU B 131 22.79 61.33 -70.24
N HIS B 132 22.27 62.51 -69.88
CA HIS B 132 22.70 63.75 -70.52
C HIS B 132 23.55 64.83 -69.81
N GLN B 133 24.08 64.57 -68.61
CA GLN B 133 24.89 65.56 -67.88
C GLN B 133 26.38 65.21 -67.66
N GLU B 134 27.24 66.20 -67.86
CA GLU B 134 28.68 66.02 -67.75
C GLU B 134 29.17 66.04 -66.31
N GLY B 135 29.19 64.86 -65.70
CA GLY B 135 29.70 64.75 -64.33
C GLY B 135 28.88 63.87 -63.41
N ALA B 136 27.63 63.59 -63.80
CA ALA B 136 26.72 62.80 -63.00
C ALA B 136 27.24 61.46 -62.49
N LYS B 137 28.02 60.74 -63.31
CA LYS B 137 28.55 59.44 -62.92
C LYS B 137 29.44 59.46 -61.69
N MET B 138 30.46 60.30 -61.71
CA MET B 138 31.36 60.42 -60.58
C MET B 138 30.55 60.70 -59.32
N ALA B 139 29.62 61.64 -59.44
CA ALA B 139 28.76 62.07 -58.35
C ALA B 139 27.86 60.98 -57.77
N VAL B 140 27.07 60.33 -58.62
CA VAL B 140 26.17 59.28 -58.17
C VAL B 140 26.96 58.20 -57.43
N ARG B 141 28.24 58.07 -57.76
CA ARG B 141 29.08 57.06 -57.13
C ARG B 141 29.55 57.44 -55.71
N LEU B 142 29.70 58.74 -55.43
CA LEU B 142 30.11 59.17 -54.09
C LEU B 142 28.93 59.01 -53.16
N ALA B 143 27.76 59.43 -53.63
CA ALA B 143 26.54 59.32 -52.86
C ALA B 143 26.34 57.86 -52.46
N GLY B 144 26.89 56.95 -53.26
CA GLY B 144 26.75 55.54 -52.99
C GLY B 144 25.42 55.04 -53.51
N GLY B 145 25.22 55.16 -54.82
CA GLY B 145 23.96 54.73 -55.40
C GLY B 145 23.88 53.26 -55.78
N LEU B 146 25.02 52.57 -55.70
CA LEU B 146 25.08 51.15 -56.05
C LEU B 146 24.41 50.19 -55.06
N GLN B 147 24.76 50.26 -53.77
CA GLN B 147 24.15 49.37 -52.77
C GLN B 147 22.65 49.59 -52.77
N LYS B 148 22.24 50.86 -52.89
CA LYS B 148 20.83 51.22 -52.89
C LYS B 148 20.02 50.65 -54.05
N MET B 149 20.48 50.90 -55.28
CA MET B 149 19.75 50.39 -56.44
C MET B 149 19.60 48.86 -56.40
N VAL B 150 20.64 48.16 -55.95
CA VAL B 150 20.58 46.70 -55.88
C VAL B 150 19.61 46.22 -54.79
N ALA B 151 19.43 47.05 -53.76
CA ALA B 151 18.52 46.69 -52.66
C ALA B 151 17.07 46.78 -53.10
N LEU B 152 16.81 47.56 -54.15
CA LEU B 152 15.46 47.73 -54.67
C LEU B 152 15.08 46.61 -55.63
N LEU B 153 16.05 45.78 -56.00
CA LEU B 153 15.82 44.67 -56.93
C LEU B 153 14.88 43.59 -56.41
N ASN B 154 14.25 43.82 -55.26
CA ASN B 154 13.35 42.81 -54.72
C ASN B 154 11.89 43.26 -54.84
N LYS B 155 11.68 44.48 -55.31
CA LYS B 155 10.32 45.00 -55.49
C LYS B 155 9.61 44.15 -56.53
N THR B 156 8.33 44.41 -56.79
CA THR B 156 7.57 43.63 -57.75
C THR B 156 7.02 44.35 -58.97
N ASN B 157 7.34 45.64 -59.13
CA ASN B 157 6.85 46.37 -60.29
C ASN B 157 7.85 46.25 -61.45
N VAL B 158 7.50 45.41 -62.41
CA VAL B 158 8.36 45.16 -63.57
C VAL B 158 8.81 46.39 -64.32
N LYS B 159 8.00 47.44 -64.33
CA LYS B 159 8.39 48.67 -65.03
C LYS B 159 9.42 49.41 -64.19
N PHE B 160 9.27 49.33 -62.87
CA PHE B 160 10.18 49.98 -61.93
C PHE B 160 11.56 49.37 -62.05
N LEU B 161 11.59 48.04 -62.09
CA LEU B 161 12.83 47.29 -62.21
C LEU B 161 13.56 47.69 -63.49
N ALA B 162 12.84 47.66 -64.61
CA ALA B 162 13.40 48.01 -65.92
C ALA B 162 14.23 49.30 -65.86
N ILE B 163 13.70 50.32 -65.21
CA ILE B 163 14.42 51.59 -65.10
C ILE B 163 15.64 51.45 -64.20
N THR B 164 15.48 50.71 -63.11
CA THR B 164 16.56 50.51 -62.15
C THR B 164 17.75 49.74 -62.73
N THR B 165 17.47 48.63 -63.42
CA THR B 165 18.53 47.81 -64.00
C THR B 165 19.30 48.55 -65.09
N ASP B 166 18.62 49.42 -65.83
CA ASP B 166 19.29 50.17 -66.89
C ASP B 166 20.27 51.17 -66.29
N CYS B 167 20.00 51.62 -65.07
CA CYS B 167 20.87 52.57 -64.38
C CYS B 167 22.14 51.86 -63.91
N LEU B 168 22.02 50.56 -63.62
CA LEU B 168 23.15 49.76 -63.17
C LEU B 168 24.14 49.54 -64.32
N GLN B 169 23.60 49.30 -65.51
CA GLN B 169 24.40 49.06 -66.70
C GLN B 169 25.26 50.27 -67.08
N ILE B 170 24.68 51.47 -67.00
CA ILE B 170 25.40 52.69 -67.35
C ILE B 170 26.62 52.92 -66.45
N LEU B 171 26.42 52.72 -65.15
CA LEU B 171 27.47 52.90 -64.16
C LEU B 171 28.52 51.79 -64.15
N ALA B 172 28.12 50.58 -64.52
CA ALA B 172 29.02 49.42 -64.52
C ALA B 172 29.91 49.29 -65.75
N TYR B 173 29.59 50.02 -66.81
CA TYR B 173 30.38 49.93 -68.05
C TYR B 173 31.74 50.63 -67.93
N GLY B 174 32.80 49.88 -68.18
CA GLY B 174 34.14 50.43 -68.11
C GLY B 174 34.48 51.01 -66.75
N ASN B 175 34.52 50.15 -65.75
CA ASN B 175 34.81 50.55 -64.38
C ASN B 175 34.74 49.28 -63.52
N GLN B 176 35.89 48.72 -63.16
CA GLN B 176 35.91 47.50 -62.37
C GLN B 176 35.50 47.68 -60.91
N GLU B 177 35.74 48.88 -60.39
CA GLU B 177 35.39 49.20 -59.00
C GLU B 177 33.89 49.05 -58.77
N SER B 178 33.10 49.37 -59.79
CA SER B 178 31.64 49.29 -59.72
C SER B 178 31.10 47.86 -59.85
N LYS B 179 31.77 47.05 -60.66
CA LYS B 179 31.37 45.67 -60.87
C LYS B 179 31.61 44.85 -59.61
N LEU B 180 32.62 45.25 -58.83
CA LEU B 180 32.94 44.56 -57.60
C LEU B 180 31.96 44.88 -56.48
N ILE B 181 31.45 46.11 -56.43
CA ILE B 181 30.49 46.44 -55.38
C ILE B 181 29.18 45.72 -55.63
N ILE B 182 28.72 45.71 -56.88
CA ILE B 182 27.47 45.02 -57.22
C ILE B 182 27.63 43.58 -56.78
N LEU B 183 28.77 43.02 -57.15
CA LEU B 183 29.13 41.64 -56.84
C LEU B 183 29.15 41.41 -55.32
N ALA B 184 29.82 42.29 -54.59
CA ALA B 184 29.93 42.18 -53.14
C ALA B 184 28.60 42.38 -52.41
N SER B 185 27.64 43.02 -53.07
CA SER B 185 26.34 43.28 -52.48
C SER B 185 25.32 42.22 -52.88
N GLY B 186 25.78 41.19 -53.58
CA GLY B 186 24.91 40.11 -54.00
C GLY B 186 23.98 40.36 -55.17
N GLY B 187 24.52 40.90 -56.26
CA GLY B 187 23.69 41.16 -57.43
C GLY B 187 23.44 39.93 -58.30
N PRO B 188 24.47 39.14 -58.61
CA PRO B 188 24.39 37.92 -59.44
C PRO B 188 23.25 36.91 -59.22
N GLN B 189 23.01 36.49 -57.99
CA GLN B 189 21.93 35.54 -57.77
C GLN B 189 20.58 36.22 -57.69
N ALA B 190 20.59 37.55 -57.61
CA ALA B 190 19.34 38.32 -57.54
C ALA B 190 18.77 38.56 -58.92
N LEU B 191 19.65 38.91 -59.87
CA LEU B 191 19.25 39.18 -61.24
C LEU B 191 18.74 37.88 -61.88
N VAL B 192 19.47 36.80 -61.65
CA VAL B 192 19.12 35.49 -62.19
C VAL B 192 17.68 35.11 -61.84
N ASN B 193 17.25 35.48 -60.64
CA ASN B 193 15.90 35.18 -60.17
C ASN B 193 14.85 35.90 -61.03
N ILE B 194 15.20 37.09 -61.50
CA ILE B 194 14.30 37.86 -62.35
C ILE B 194 14.05 37.08 -63.64
N MET B 195 15.15 36.61 -64.23
CA MET B 195 15.11 35.86 -65.48
C MET B 195 14.22 34.60 -65.46
N ARG B 196 14.08 33.96 -64.31
CA ARG B 196 13.25 32.75 -64.24
C ARG B 196 11.95 32.95 -63.46
N THR B 197 11.45 34.18 -63.44
CA THR B 197 10.20 34.48 -62.72
C THR B 197 9.22 35.35 -63.49
N TYR B 198 9.73 36.37 -64.19
CA TYR B 198 8.88 37.30 -64.94
C TYR B 198 8.92 37.07 -66.46
N THR B 199 8.07 37.77 -67.19
CA THR B 199 8.02 37.61 -68.64
C THR B 199 8.05 38.91 -69.47
N TYR B 200 7.97 40.06 -68.80
CA TYR B 200 7.99 41.35 -69.51
C TYR B 200 9.29 41.41 -70.33
N GLU B 201 9.17 41.59 -71.65
CA GLU B 201 10.34 41.63 -72.52
C GLU B 201 11.36 42.72 -72.27
N LYS B 202 10.90 43.96 -72.09
CA LYS B 202 11.84 45.07 -71.87
C LYS B 202 12.62 44.93 -70.57
N LEU B 203 12.12 44.11 -69.65
CA LEU B 203 12.81 43.88 -68.39
C LEU B 203 13.87 42.81 -68.61
N LEU B 204 13.45 41.73 -69.25
CA LEU B 204 14.34 40.61 -69.55
C LEU B 204 15.50 41.02 -70.45
N TRP B 205 15.28 42.03 -71.28
CA TRP B 205 16.33 42.51 -72.18
C TRP B 205 17.42 43.28 -71.46
N THR B 206 17.02 44.21 -70.61
CA THR B 206 17.98 45.02 -69.86
C THR B 206 18.72 44.26 -68.76
N THR B 207 18.04 43.32 -68.11
CA THR B 207 18.67 42.54 -67.05
C THR B 207 19.75 41.64 -67.64
N SER B 208 19.65 41.38 -68.93
CA SER B 208 20.64 40.55 -69.62
C SER B 208 21.79 41.46 -70.03
N ARG B 209 21.47 42.72 -70.29
CA ARG B 209 22.47 43.70 -70.67
C ARG B 209 23.41 43.94 -69.49
N VAL B 210 22.91 43.72 -68.28
CA VAL B 210 23.72 43.89 -67.07
C VAL B 210 24.64 42.68 -66.96
N LEU B 211 24.20 41.57 -67.53
CA LEU B 211 24.97 40.35 -67.52
C LEU B 211 26.07 40.31 -68.60
N LYS B 212 25.82 40.87 -69.79
CA LYS B 212 26.84 40.88 -70.85
C LYS B 212 28.01 41.74 -70.40
N VAL B 213 27.80 42.54 -69.36
CA VAL B 213 28.85 43.42 -68.85
C VAL B 213 29.65 42.80 -67.71
N LEU B 214 28.99 42.05 -66.84
CA LEU B 214 29.65 41.41 -65.70
C LEU B 214 30.44 40.16 -66.06
N SER B 215 29.95 39.43 -67.06
CA SER B 215 30.58 38.19 -67.50
C SER B 215 32.00 38.35 -68.02
N VAL B 216 32.36 39.56 -68.44
CA VAL B 216 33.70 39.83 -68.97
C VAL B 216 34.80 39.61 -67.94
N CYS B 217 34.59 40.11 -66.72
CA CYS B 217 35.57 39.98 -65.66
C CYS B 217 35.73 38.54 -65.18
N SER B 218 36.93 38.22 -64.70
CA SER B 218 37.26 36.88 -64.22
C SER B 218 36.79 36.61 -62.78
N SER B 219 36.95 37.61 -61.91
CA SER B 219 36.52 37.46 -60.53
C SER B 219 35.00 37.60 -60.47
N ASN B 220 34.40 37.84 -61.63
CA ASN B 220 32.97 38.05 -61.74
C ASN B 220 32.13 36.87 -62.24
N LYS B 221 32.73 35.97 -63.01
CA LYS B 221 32.02 34.82 -63.58
C LYS B 221 31.43 33.74 -62.67
N PRO B 222 32.26 33.09 -61.84
CA PRO B 222 31.82 32.03 -60.92
C PRO B 222 30.54 32.28 -60.12
N ALA B 223 30.34 33.53 -59.69
CA ALA B 223 29.16 33.87 -58.91
C ALA B 223 27.86 33.61 -59.65
N ILE B 224 27.92 33.79 -60.97
CA ILE B 224 26.75 33.61 -61.83
C ILE B 224 26.43 32.13 -62.09
N VAL B 225 27.44 31.39 -62.54
CA VAL B 225 27.27 29.97 -62.84
C VAL B 225 26.80 29.19 -61.63
N GLU B 226 27.32 29.56 -60.45
CA GLU B 226 26.97 28.90 -59.19
C GLU B 226 25.52 29.06 -58.79
N ALA B 227 24.98 30.26 -59.02
CA ALA B 227 23.59 30.55 -58.67
C ALA B 227 22.61 29.72 -59.51
N GLY B 228 22.93 29.58 -60.80
CA GLY B 228 22.08 28.82 -61.71
C GLY B 228 21.86 29.62 -62.97
N GLY B 229 22.76 30.58 -63.20
CA GLY B 229 22.67 31.45 -64.36
C GLY B 229 22.65 30.75 -65.71
N MET B 230 23.25 29.57 -65.78
CA MET B 230 23.29 28.82 -67.04
C MET B 230 21.91 28.26 -67.42
N GLN B 231 21.20 27.68 -66.45
CA GLN B 231 19.89 27.12 -66.73
C GLN B 231 18.83 28.19 -66.89
N ALA B 232 19.00 29.30 -66.16
CA ALA B 232 18.06 30.42 -66.21
C ALA B 232 18.14 31.20 -67.51
N LEU B 233 19.31 31.18 -68.15
CA LEU B 233 19.50 31.89 -69.41
C LEU B 233 19.15 31.02 -70.61
N GLY B 234 19.10 29.70 -70.40
CA GLY B 234 18.76 28.81 -71.49
C GLY B 234 17.28 28.86 -71.80
N LEU B 235 16.48 29.25 -70.80
CA LEU B 235 15.03 29.34 -70.92
C LEU B 235 14.51 30.20 -72.07
N HIS B 236 15.20 31.30 -72.36
CA HIS B 236 14.76 32.24 -73.39
C HIS B 236 15.47 32.15 -74.74
N LEU B 237 16.01 30.97 -75.08
CA LEU B 237 16.70 30.81 -76.35
C LEU B 237 15.76 30.74 -77.54
N THR B 238 14.51 30.35 -77.31
CA THR B 238 13.53 30.24 -78.38
C THR B 238 12.39 31.26 -78.33
N ASP B 239 12.68 32.43 -77.77
CA ASP B 239 11.67 33.50 -77.69
C ASP B 239 11.65 34.34 -78.96
N PRO B 240 10.52 35.01 -79.23
CA PRO B 240 10.34 35.86 -80.42
C PRO B 240 11.26 37.07 -80.54
N SER B 241 11.90 37.46 -79.43
CA SER B 241 12.78 38.62 -79.44
C SER B 241 14.17 38.35 -80.01
N GLN B 242 14.54 39.09 -81.07
CA GLN B 242 15.84 38.92 -81.69
C GLN B 242 16.96 39.41 -80.81
N ARG B 243 16.76 40.56 -80.16
CA ARG B 243 17.79 41.13 -79.29
C ARG B 243 17.99 40.33 -78.00
N LEU B 244 16.92 39.76 -77.46
CA LEU B 244 17.04 38.99 -76.23
C LEU B 244 17.78 37.67 -76.45
N VAL B 245 17.57 37.06 -77.62
CA VAL B 245 18.21 35.79 -77.94
C VAL B 245 19.71 35.96 -78.24
N GLN B 246 20.14 37.20 -78.45
CA GLN B 246 21.54 37.45 -78.75
C GLN B 246 22.39 37.80 -77.51
N ASN B 247 21.89 38.71 -76.66
CA ASN B 247 22.63 39.05 -75.45
C ASN B 247 22.65 37.81 -74.56
N CYS B 248 21.74 36.89 -74.84
CA CYS B 248 21.65 35.66 -74.07
C CYS B 248 22.77 34.71 -74.46
N LEU B 249 23.05 34.63 -75.77
CA LEU B 249 24.10 33.76 -76.28
C LEU B 249 25.46 34.23 -75.82
N TRP B 250 25.95 35.35 -76.35
CA TRP B 250 27.25 35.89 -75.92
C TRP B 250 27.51 35.41 -74.52
N THR B 251 26.82 36.09 -73.62
CA THR B 251 26.82 35.89 -72.19
C THR B 251 27.11 34.43 -71.88
N LEU B 252 26.33 33.53 -72.45
CA LEU B 252 26.56 32.11 -72.24
C LEU B 252 27.91 31.58 -72.77
N ARG B 253 28.43 32.19 -73.84
CA ARG B 253 29.71 31.79 -74.42
C ARG B 253 30.82 32.33 -73.53
N ASN B 254 30.53 33.42 -72.84
CA ASN B 254 31.47 34.04 -71.92
C ASN B 254 31.63 33.24 -70.63
N LEU B 255 30.53 32.69 -70.12
CA LEU B 255 30.58 31.91 -68.89
C LEU B 255 31.13 30.51 -69.14
N SER B 256 30.81 29.97 -70.31
CA SER B 256 31.21 28.62 -70.71
C SER B 256 32.56 28.08 -70.23
N ASP B 257 33.60 28.90 -70.23
CA ASP B 257 34.91 28.41 -69.82
C ASP B 257 35.01 28.04 -68.34
N ALA B 258 33.87 28.03 -67.64
CA ALA B 258 33.87 27.69 -66.22
C ALA B 258 32.64 26.93 -65.72
N ALA B 259 31.89 26.31 -66.64
CA ALA B 259 30.69 25.56 -66.25
C ALA B 259 30.81 24.10 -66.67
N THR B 260 32.03 23.69 -66.98
CA THR B 260 32.34 22.33 -67.43
C THR B 260 32.16 21.22 -66.38
N LYS B 261 31.46 21.50 -65.29
CA LYS B 261 31.26 20.49 -64.25
C LYS B 261 29.89 20.50 -63.59
N GLN B 262 29.02 21.42 -64.02
CA GLN B 262 27.68 21.51 -63.46
C GLN B 262 26.83 20.31 -63.84
N GLU B 263 26.09 19.78 -62.87
CA GLU B 263 25.20 18.65 -63.11
C GLU B 263 23.93 19.18 -63.78
N GLY B 264 23.10 18.28 -64.27
CA GLY B 264 21.85 18.68 -64.90
C GLY B 264 21.94 19.70 -66.03
N MET B 265 22.87 19.51 -66.95
CA MET B 265 23.01 20.40 -68.10
C MET B 265 22.45 19.65 -69.30
N GLU B 266 21.83 18.51 -69.02
CA GLU B 266 21.24 17.66 -70.03
C GLU B 266 20.04 18.32 -70.72
N GLY B 267 19.49 19.34 -70.07
CA GLY B 267 18.36 20.03 -70.65
C GLY B 267 18.80 21.07 -71.67
N LEU B 268 19.79 21.87 -71.28
CA LEU B 268 20.34 22.92 -72.13
C LEU B 268 21.03 22.36 -73.38
N LEU B 269 21.75 21.25 -73.23
CA LEU B 269 22.46 20.64 -74.34
C LEU B 269 21.54 20.20 -75.47
N GLY B 270 20.30 19.88 -75.14
CA GLY B 270 19.36 19.47 -76.17
C GLY B 270 19.06 20.64 -77.10
N THR B 271 18.65 21.75 -76.52
CA THR B 271 18.32 22.96 -77.26
C THR B 271 19.47 23.44 -78.14
N LEU B 272 20.65 23.60 -77.56
CA LEU B 272 21.82 24.06 -78.29
C LEU B 272 22.04 23.30 -79.59
N VAL B 273 21.84 21.99 -79.58
CA VAL B 273 22.03 21.20 -80.78
C VAL B 273 21.05 21.65 -81.88
N GLN B 274 19.78 21.76 -81.54
CA GLN B 274 18.77 22.18 -82.51
C GLN B 274 19.11 23.53 -83.13
N LEU B 275 19.67 24.43 -82.33
CA LEU B 275 20.03 25.75 -82.82
C LEU B 275 21.04 25.75 -83.96
N LEU B 276 21.86 24.72 -84.05
CA LEU B 276 22.85 24.66 -85.11
C LEU B 276 22.16 24.88 -86.46
N GLY B 277 20.90 24.43 -86.55
CA GLY B 277 20.14 24.60 -87.77
C GLY B 277 19.33 25.88 -87.70
N SER B 278 19.95 26.99 -88.10
CA SER B 278 19.29 28.29 -88.07
C SER B 278 19.64 29.14 -89.29
N ASP B 279 18.82 30.15 -89.54
CA ASP B 279 19.05 31.04 -90.67
C ASP B 279 19.98 32.16 -90.26
N ASP B 280 20.04 32.43 -88.96
CA ASP B 280 20.90 33.48 -88.43
C ASP B 280 22.26 32.83 -88.24
N ILE B 281 23.23 33.27 -89.03
CA ILE B 281 24.56 32.71 -88.96
C ILE B 281 25.28 33.09 -87.65
N ASN B 282 24.86 34.20 -87.05
CA ASN B 282 25.46 34.64 -85.79
C ASN B 282 25.03 33.71 -84.64
N VAL B 283 23.88 33.09 -84.82
CA VAL B 283 23.33 32.17 -83.81
C VAL B 283 24.03 30.82 -83.93
N VAL B 284 24.54 30.50 -85.11
CA VAL B 284 25.23 29.25 -85.35
C VAL B 284 26.62 29.33 -84.71
N THR B 285 27.31 30.44 -84.98
CA THR B 285 28.65 30.67 -84.45
C THR B 285 28.75 30.64 -82.92
N CYS B 286 27.79 31.27 -82.25
CA CYS B 286 27.79 31.30 -80.80
C CYS B 286 27.47 29.93 -80.21
N ALA B 287 26.53 29.22 -80.84
CA ALA B 287 26.14 27.90 -80.36
C ALA B 287 27.28 26.90 -80.56
N ALA B 288 28.07 27.10 -81.61
CA ALA B 288 29.20 26.23 -81.91
C ALA B 288 30.20 26.19 -80.74
N GLY B 289 30.69 27.37 -80.37
CA GLY B 289 31.66 27.46 -79.29
C GLY B 289 31.19 26.92 -77.95
N ILE B 290 29.92 27.16 -77.60
CA ILE B 290 29.37 26.71 -76.33
C ILE B 290 29.42 25.18 -76.21
N LEU B 291 28.97 24.49 -77.27
CA LEU B 291 28.97 23.03 -77.26
C LEU B 291 30.41 22.53 -77.16
N SER B 292 31.33 23.30 -77.74
CA SER B 292 32.74 22.95 -77.74
C SER B 292 33.34 22.97 -76.33
N ASN B 293 32.98 23.97 -75.54
CA ASN B 293 33.48 24.11 -74.16
C ASN B 293 32.85 23.15 -73.15
N LEU B 294 31.53 23.05 -73.15
CA LEU B 294 30.82 22.16 -72.21
C LEU B 294 31.12 20.69 -72.48
N THR B 295 31.88 20.40 -73.53
CA THR B 295 32.21 19.03 -73.89
C THR B 295 33.59 18.61 -73.38
N CYS B 296 34.28 19.53 -72.71
CA CYS B 296 35.61 19.23 -72.18
C CYS B 296 35.60 18.39 -70.90
N ASN B 297 36.07 17.14 -70.99
CA ASN B 297 36.18 16.24 -69.85
C ASN B 297 34.93 15.84 -69.06
N ASN B 298 33.76 15.85 -69.68
CA ASN B 298 32.56 15.46 -68.95
C ASN B 298 31.86 14.28 -69.64
N TYR B 299 32.08 13.07 -69.11
CA TYR B 299 31.49 11.87 -69.73
C TYR B 299 29.98 11.92 -69.82
N LYS B 300 29.33 12.58 -68.87
CA LYS B 300 27.88 12.70 -68.91
C LYS B 300 27.50 13.68 -70.01
N ASN B 301 28.21 14.81 -70.07
CA ASN B 301 27.94 15.81 -71.09
C ASN B 301 28.49 15.49 -72.47
N LYS B 302 28.83 14.23 -72.71
CA LYS B 302 29.32 13.82 -74.02
C LYS B 302 28.34 12.81 -74.60
N MET B 303 27.96 11.82 -73.79
CA MET B 303 27.00 10.81 -74.21
C MET B 303 25.67 11.48 -74.59
N MET B 304 25.19 12.38 -73.73
CA MET B 304 23.93 13.08 -73.99
C MET B 304 23.88 13.66 -75.39
N VAL B 305 24.91 14.43 -75.73
CA VAL B 305 24.99 15.03 -77.06
C VAL B 305 24.93 13.95 -78.14
N CYS B 306 25.52 12.80 -77.85
CA CYS B 306 25.50 11.69 -78.81
C CYS B 306 24.10 11.12 -79.03
N GLN B 307 23.33 10.99 -77.94
CA GLN B 307 21.97 10.44 -78.03
C GLN B 307 21.00 11.30 -78.84
N VAL B 308 21.19 12.61 -78.80
CA VAL B 308 20.30 13.52 -79.53
C VAL B 308 20.81 13.83 -80.94
N GLY B 309 21.68 12.97 -81.46
CA GLY B 309 22.21 13.15 -82.79
C GLY B 309 23.13 14.34 -82.99
N GLY B 310 24.06 14.53 -82.06
CA GLY B 310 24.99 15.64 -82.16
C GLY B 310 26.04 15.51 -83.24
N ILE B 311 26.54 14.29 -83.45
CA ILE B 311 27.58 14.06 -84.46
C ILE B 311 27.11 14.47 -85.86
N GLU B 312 25.96 13.94 -86.27
CA GLU B 312 25.40 14.22 -87.58
C GLU B 312 25.19 15.71 -87.83
N ALA B 313 24.67 16.41 -86.82
CA ALA B 313 24.42 17.84 -86.92
C ALA B 313 25.71 18.63 -87.12
N LEU B 314 26.70 18.34 -86.28
CA LEU B 314 27.99 19.01 -86.33
C LEU B 314 28.76 18.83 -87.64
N VAL B 315 28.71 17.64 -88.22
CA VAL B 315 29.40 17.41 -89.48
C VAL B 315 28.81 18.37 -90.51
N ARG B 316 27.48 18.44 -90.52
CA ARG B 316 26.75 19.30 -91.44
C ARG B 316 27.09 20.78 -91.29
N THR B 317 27.37 21.20 -90.05
CA THR B 317 27.71 22.60 -89.76
C THR B 317 28.99 23.05 -90.46
N VAL B 318 30.02 22.21 -90.41
CA VAL B 318 31.30 22.53 -91.03
C VAL B 318 31.17 22.60 -92.54
N LEU B 319 30.27 21.78 -93.09
CA LEU B 319 30.05 21.74 -94.53
C LEU B 319 29.56 23.04 -95.13
N ARG B 320 28.54 23.65 -94.54
CA ARG B 320 28.01 24.91 -95.07
C ARG B 320 28.81 26.12 -94.65
N ALA B 321 29.66 25.97 -93.64
CA ALA B 321 30.47 27.08 -93.14
C ALA B 321 31.52 27.55 -94.13
N GLY B 322 31.99 26.64 -94.98
CA GLY B 322 32.99 27.01 -95.98
C GLY B 322 34.35 27.39 -95.44
N ASP B 323 34.84 28.55 -95.84
CA ASP B 323 36.17 29.01 -95.41
C ASP B 323 36.11 29.97 -94.22
N ARG B 324 34.93 30.08 -93.62
CA ARG B 324 34.74 30.95 -92.46
C ARG B 324 35.30 30.24 -91.23
N GLU B 325 36.55 30.58 -90.91
CA GLU B 325 37.26 29.97 -89.79
C GLU B 325 36.77 30.27 -88.38
N ASP B 326 35.76 31.13 -88.24
CA ASP B 326 35.23 31.42 -86.91
C ASP B 326 34.07 30.48 -86.59
N ILE B 327 33.78 29.56 -87.50
CA ILE B 327 32.71 28.59 -87.31
C ILE B 327 33.29 27.17 -87.36
N THR B 328 34.20 26.95 -88.31
CA THR B 328 34.82 25.64 -88.48
C THR B 328 35.72 25.23 -87.32
N GLU B 329 36.47 26.19 -86.77
CA GLU B 329 37.37 25.92 -85.65
C GLU B 329 36.64 25.32 -84.44
N PRO B 330 35.69 26.06 -83.86
CA PRO B 330 34.96 25.54 -82.70
C PRO B 330 34.36 24.14 -82.93
N ALA B 331 33.70 23.97 -84.07
CA ALA B 331 33.06 22.70 -84.41
C ALA B 331 34.02 21.51 -84.45
N ILE B 332 35.16 21.68 -85.11
CA ILE B 332 36.14 20.59 -85.21
C ILE B 332 36.67 20.24 -83.81
N CYS B 333 36.78 21.23 -82.94
CA CYS B 333 37.24 20.99 -81.58
C CYS B 333 36.19 20.17 -80.84
N ALA B 334 34.93 20.38 -81.21
CA ALA B 334 33.80 19.69 -80.59
C ALA B 334 33.69 18.22 -80.98
N LEU B 335 34.14 17.87 -82.18
CA LEU B 335 34.09 16.48 -82.61
C LEU B 335 35.31 15.76 -82.05
N ARG B 336 36.36 16.51 -81.78
CA ARG B 336 37.59 15.96 -81.22
C ARG B 336 37.39 15.49 -79.78
N HIS B 337 36.63 16.26 -79.01
CA HIS B 337 36.35 15.92 -77.61
C HIS B 337 35.45 14.69 -77.54
N LEU B 338 34.46 14.63 -78.43
CA LEU B 338 33.49 13.54 -78.46
C LEU B 338 34.03 12.15 -78.82
N THR B 339 35.05 12.09 -79.67
CA THR B 339 35.63 10.82 -80.05
C THR B 339 36.76 10.43 -79.09
N SER B 340 36.50 10.52 -77.79
CA SER B 340 37.54 10.19 -76.82
C SER B 340 37.11 10.09 -75.34
N ARG B 341 37.70 9.11 -74.65
CA ARG B 341 37.49 8.86 -73.22
C ARG B 341 36.08 8.67 -72.63
N HIS B 342 35.36 7.65 -73.12
CA HIS B 342 34.03 7.33 -72.59
C HIS B 342 33.36 6.17 -73.33
N GLN B 343 32.30 5.64 -72.74
CA GLN B 343 31.55 4.48 -73.29
C GLN B 343 31.04 4.53 -74.73
N GLU B 344 30.81 5.72 -75.29
CA GLU B 344 30.30 5.82 -76.66
C GLU B 344 31.35 6.37 -77.62
N ALA B 345 32.58 6.48 -77.14
CA ALA B 345 33.69 7.00 -77.95
C ALA B 345 33.86 6.22 -79.25
N GLU B 346 33.45 4.95 -79.22
CA GLU B 346 33.53 4.07 -80.37
C GLU B 346 32.43 4.42 -81.37
N MET B 347 31.20 4.50 -80.87
CA MET B 347 30.06 4.85 -81.71
C MET B 347 30.38 6.16 -82.40
N ALA B 348 30.99 7.07 -81.65
CA ALA B 348 31.36 8.39 -82.15
C ALA B 348 32.26 8.30 -83.38
N GLN B 349 33.35 7.56 -83.26
CA GLN B 349 34.30 7.38 -84.36
C GLN B 349 33.64 6.79 -85.60
N ASN B 350 32.75 5.83 -85.40
CA ASN B 350 32.06 5.20 -86.52
C ASN B 350 31.07 6.13 -87.22
N ALA B 351 30.33 6.90 -86.42
CA ALA B 351 29.34 7.84 -86.94
C ALA B 351 29.89 8.91 -87.87
N VAL B 352 31.01 9.50 -87.50
CA VAL B 352 31.61 10.54 -88.34
C VAL B 352 31.77 10.04 -89.77
N ARG B 353 31.98 8.74 -89.93
CA ARG B 353 32.15 8.13 -91.24
C ARG B 353 30.78 7.83 -91.85
N LEU B 354 29.93 7.18 -91.07
CA LEU B 354 28.58 6.82 -91.52
C LEU B 354 27.75 8.03 -91.90
N HIS B 355 28.30 9.23 -91.72
CA HIS B 355 27.57 10.44 -92.07
C HIS B 355 28.30 11.32 -93.09
N TYR B 356 29.12 10.68 -93.92
CA TYR B 356 29.86 11.34 -94.99
C TYR B 356 30.69 12.54 -94.56
N GLY B 357 31.44 12.39 -93.47
CA GLY B 357 32.25 13.49 -92.97
C GLY B 357 33.74 13.43 -93.24
N LEU B 358 34.26 12.24 -93.56
CA LEU B 358 35.69 12.08 -93.81
C LEU B 358 36.28 12.97 -94.92
N PRO B 359 35.52 13.21 -96.00
CA PRO B 359 36.04 14.05 -97.08
C PRO B 359 36.39 15.48 -96.64
N VAL B 360 35.43 16.19 -96.07
CA VAL B 360 35.63 17.58 -95.62
C VAL B 360 36.71 17.76 -94.54
N VAL B 361 36.92 16.73 -93.72
CA VAL B 361 37.92 16.79 -92.65
C VAL B 361 39.34 16.92 -93.20
N VAL B 362 39.64 16.17 -94.26
CA VAL B 362 40.96 16.19 -94.86
C VAL B 362 41.21 17.43 -95.73
N LYS B 363 40.14 18.09 -96.14
CA LYS B 363 40.27 19.30 -96.97
C LYS B 363 40.79 20.51 -96.20
N LEU B 364 40.40 20.61 -94.93
CA LEU B 364 40.81 21.73 -94.09
C LEU B 364 42.29 21.75 -93.76
N LEU B 365 43.00 20.68 -94.11
CA LEU B 365 44.44 20.61 -93.84
C LEU B 365 45.19 21.52 -94.81
N HIS B 366 44.55 21.83 -95.93
CA HIS B 366 45.13 22.68 -96.97
C HIS B 366 44.76 24.15 -96.78
N PRO B 367 45.50 25.05 -97.43
CA PRO B 367 45.20 26.48 -97.30
C PRO B 367 43.83 26.68 -97.96
N PRO B 368 43.20 27.86 -97.78
CA PRO B 368 43.61 29.07 -97.07
C PRO B 368 43.65 28.98 -95.53
N SER B 369 43.61 27.78 -94.97
CA SER B 369 43.62 27.61 -93.51
C SER B 369 44.84 28.22 -92.81
N HIS B 370 44.71 28.41 -91.50
CA HIS B 370 45.78 28.96 -90.67
C HIS B 370 46.24 27.91 -89.66
N TRP B 371 47.29 28.22 -88.90
CA TRP B 371 47.83 27.29 -87.91
C TRP B 371 46.89 26.82 -86.80
N PRO B 372 46.18 27.75 -86.15
CA PRO B 372 45.26 27.35 -85.08
C PRO B 372 44.25 26.28 -85.51
N LEU B 373 43.71 26.44 -86.72
CA LEU B 373 42.73 25.51 -87.28
C LEU B 373 43.34 24.18 -87.74
N ILE B 374 44.54 24.25 -88.30
CA ILE B 374 45.23 23.05 -88.78
C ILE B 374 45.61 22.13 -87.63
N LYS B 375 45.97 22.73 -86.50
CA LYS B 375 46.35 21.97 -85.32
C LYS B 375 45.20 21.07 -84.87
N ALA B 376 44.03 21.66 -84.65
CA ALA B 376 42.86 20.93 -84.19
C ALA B 376 42.41 19.80 -85.12
N THR B 377 42.66 19.93 -86.42
CA THR B 377 42.24 18.90 -87.36
C THR B 377 43.15 17.68 -87.30
N VAL B 378 44.45 17.90 -87.09
CA VAL B 378 45.38 16.78 -86.99
C VAL B 378 45.00 15.97 -85.74
N GLY B 379 44.49 16.68 -84.73
CA GLY B 379 44.09 16.04 -83.50
C GLY B 379 42.83 15.22 -83.68
N LEU B 380 41.95 15.69 -84.54
CA LEU B 380 40.70 14.98 -84.81
C LEU B 380 41.00 13.71 -85.60
N ILE B 381 41.98 13.80 -86.49
CA ILE B 381 42.35 12.66 -87.32
C ILE B 381 43.01 11.54 -86.52
N ARG B 382 43.78 11.88 -85.49
CA ARG B 382 44.42 10.84 -84.69
C ARG B 382 43.39 9.93 -84.05
N ASN B 383 42.38 10.52 -83.43
CA ASN B 383 41.32 9.76 -82.77
C ASN B 383 40.55 8.86 -83.73
N LEU B 384 40.12 9.45 -84.85
CA LEU B 384 39.35 8.72 -85.86
C LEU B 384 40.02 7.45 -86.34
N ALA B 385 41.35 7.46 -86.37
CA ALA B 385 42.12 6.31 -86.84
C ALA B 385 42.14 5.13 -85.87
N LEU B 386 41.55 5.29 -84.70
CA LEU B 386 41.52 4.21 -83.71
C LEU B 386 40.46 3.16 -84.03
N CYS B 387 39.63 3.44 -85.03
CA CYS B 387 38.60 2.50 -85.46
C CYS B 387 39.07 1.90 -86.76
N PRO B 388 39.22 0.56 -86.80
CA PRO B 388 39.66 -0.14 -88.01
C PRO B 388 38.94 0.27 -89.29
N ALA B 389 37.61 0.29 -89.25
CA ALA B 389 36.80 0.64 -90.41
C ALA B 389 37.15 1.99 -91.05
N ASN B 390 38.09 2.72 -90.46
CA ASN B 390 38.49 4.02 -91.00
C ASN B 390 39.89 4.04 -91.60
N HIS B 391 40.59 2.90 -91.50
CA HIS B 391 41.94 2.81 -92.03
C HIS B 391 41.99 3.01 -93.55
N ALA B 392 41.13 2.28 -94.26
CA ALA B 392 41.08 2.38 -95.72
C ALA B 392 40.55 3.71 -96.26
N PRO B 393 39.41 4.19 -95.72
CA PRO B 393 38.80 5.45 -96.14
C PRO B 393 39.71 6.67 -96.06
N LEU B 394 40.36 6.85 -94.91
CA LEU B 394 41.26 7.98 -94.71
C LEU B 394 42.39 8.01 -95.73
N ARG B 395 42.84 6.83 -96.14
CA ARG B 395 43.92 6.72 -97.10
C ARG B 395 43.51 7.24 -98.47
N GLU B 396 42.36 6.76 -98.95
CA GLU B 396 41.83 7.14 -100.26
C GLU B 396 41.55 8.63 -100.40
N GLN B 397 41.17 9.29 -99.31
CA GLN B 397 40.94 10.72 -99.38
C GLN B 397 42.30 11.39 -99.57
N GLY B 398 43.35 10.63 -99.27
CA GLY B 398 44.70 11.13 -99.41
C GLY B 398 45.16 12.03 -98.28
N ALA B 399 45.27 11.46 -97.09
CA ALA B 399 45.70 12.22 -95.92
C ALA B 399 47.18 12.00 -95.61
N ILE B 400 47.66 10.79 -95.84
CA ILE B 400 49.06 10.46 -95.56
C ILE B 400 50.02 11.41 -96.30
N PRO B 401 49.85 11.56 -97.62
CA PRO B 401 50.76 12.46 -98.34
C PRO B 401 50.75 13.89 -97.81
N ARG B 402 49.57 14.38 -97.41
CA ARG B 402 49.47 15.75 -96.90
C ARG B 402 49.99 15.88 -95.46
N LEU B 403 49.78 14.84 -94.65
CA LEU B 403 50.26 14.86 -93.27
C LEU B 403 51.78 14.96 -93.25
N VAL B 404 52.43 14.17 -94.09
CA VAL B 404 53.88 14.17 -94.17
C VAL B 404 54.41 15.52 -94.60
N GLN B 405 53.75 16.14 -95.57
CA GLN B 405 54.15 17.44 -96.09
C GLN B 405 54.18 18.50 -94.99
N LEU B 406 53.19 18.47 -94.11
CA LEU B 406 53.13 19.43 -93.02
C LEU B 406 54.25 19.22 -92.01
N LEU B 407 54.61 17.95 -91.78
CA LEU B 407 55.66 17.60 -90.84
C LEU B 407 56.97 18.28 -91.18
N VAL B 408 57.33 18.25 -92.47
CA VAL B 408 58.58 18.84 -92.94
C VAL B 408 58.74 20.34 -92.68
N ARG B 409 57.79 21.14 -93.16
CA ARG B 409 57.85 22.59 -93.00
C ARG B 409 57.83 23.07 -91.54
N ALA B 410 57.40 22.20 -90.64
CA ALA B 410 57.35 22.55 -89.22
C ALA B 410 58.67 22.22 -88.54
N HIS B 411 59.28 21.12 -88.96
CA HIS B 411 60.55 20.66 -88.39
C HIS B 411 61.55 21.81 -88.25
N GLN B 412 61.79 22.52 -89.35
CA GLN B 412 62.74 23.63 -89.37
C GLN B 412 62.20 24.86 -88.65
N GLN B 425 61.38 29.89 -79.27
CA GLN B 425 60.12 30.43 -78.78
C GLN B 425 58.93 30.05 -79.66
N GLN B 426 59.14 30.13 -80.98
CA GLN B 426 58.08 29.78 -81.94
C GLN B 426 56.70 30.33 -81.58
N PHE B 427 56.56 31.65 -81.75
CA PHE B 427 55.30 32.31 -81.46
C PHE B 427 54.63 32.69 -82.78
N VAL B 428 54.27 31.70 -83.59
CA VAL B 428 53.65 31.97 -84.90
C VAL B 428 52.12 31.74 -84.91
N GLU B 429 51.36 32.81 -85.13
CA GLU B 429 49.90 32.74 -85.17
C GLU B 429 49.33 32.14 -83.88
N GLY B 430 50.24 31.86 -82.94
CA GLY B 430 49.90 31.29 -81.66
C GLY B 430 50.20 29.81 -81.51
N VAL B 431 50.93 29.24 -82.45
CA VAL B 431 51.25 27.81 -82.42
C VAL B 431 52.75 27.51 -82.41
N ARG B 432 53.17 26.61 -81.53
CA ARG B 432 54.57 26.20 -81.47
C ARG B 432 54.69 25.14 -82.55
N MET B 433 55.78 25.17 -83.30
CA MET B 433 55.96 24.20 -84.37
C MET B 433 56.29 22.78 -83.89
N GLU B 434 56.70 22.65 -82.63
CA GLU B 434 57.02 21.34 -82.08
C GLU B 434 55.74 20.52 -81.85
N GLU B 435 54.63 21.23 -81.65
CA GLU B 435 53.34 20.56 -81.42
C GLU B 435 52.86 19.92 -82.71
N ILE B 436 52.98 20.65 -83.82
CA ILE B 436 52.57 20.16 -85.12
C ILE B 436 53.38 18.93 -85.51
N VAL B 437 54.57 18.81 -84.93
CA VAL B 437 55.46 17.68 -85.19
C VAL B 437 55.07 16.46 -84.36
N GLU B 438 54.73 16.69 -83.10
CA GLU B 438 54.35 15.61 -82.22
C GLU B 438 53.00 15.01 -82.62
N GLY B 439 52.10 15.85 -83.11
CA GLY B 439 50.80 15.38 -83.52
C GLY B 439 50.82 14.59 -84.81
N CYS B 440 51.52 15.11 -85.81
CA CYS B 440 51.62 14.45 -87.11
C CYS B 440 52.21 13.05 -87.01
N THR B 441 53.28 12.89 -86.22
CA THR B 441 53.92 11.59 -86.08
C THR B 441 52.98 10.56 -85.43
N GLY B 442 52.29 10.99 -84.37
CA GLY B 442 51.36 10.10 -83.69
C GLY B 442 50.21 9.68 -84.58
N ALA B 443 49.94 10.49 -85.62
CA ALA B 443 48.87 10.21 -86.56
C ALA B 443 49.28 9.05 -87.46
N LEU B 444 50.50 9.13 -87.98
CA LEU B 444 51.03 8.08 -88.85
C LEU B 444 51.23 6.78 -88.06
N HIS B 445 51.59 6.91 -86.79
CA HIS B 445 51.82 5.78 -85.89
C HIS B 445 50.63 4.82 -85.84
N ILE B 446 49.43 5.36 -85.67
CA ILE B 446 48.23 4.54 -85.58
C ILE B 446 47.79 4.00 -86.95
N LEU B 447 47.96 4.82 -87.99
CA LEU B 447 47.56 4.41 -89.34
C LEU B 447 48.38 3.23 -89.85
N ALA B 448 49.65 3.16 -89.45
CA ALA B 448 50.54 2.10 -89.88
C ALA B 448 50.14 0.70 -89.40
N ARG B 449 48.98 0.58 -88.75
CA ARG B 449 48.53 -0.72 -88.28
C ARG B 449 48.08 -1.57 -89.47
N ASP B 450 47.73 -0.91 -90.57
CA ASP B 450 47.29 -1.58 -91.80
C ASP B 450 48.41 -1.62 -92.83
N VAL B 451 48.70 -2.82 -93.33
CA VAL B 451 49.77 -3.04 -94.31
C VAL B 451 49.79 -2.07 -95.49
N HIS B 452 48.63 -1.85 -96.10
CA HIS B 452 48.51 -0.94 -97.24
C HIS B 452 49.14 0.42 -96.95
N ASN B 453 48.82 0.96 -95.77
CA ASN B 453 49.33 2.25 -95.36
C ASN B 453 50.84 2.23 -95.20
N ARG B 454 51.37 1.13 -94.68
CA ARG B 454 52.81 1.00 -94.47
C ARG B 454 53.58 1.10 -95.78
N ILE B 455 53.09 0.43 -96.82
CA ILE B 455 53.76 0.47 -98.12
C ILE B 455 53.82 1.89 -98.66
N VAL B 456 52.77 2.67 -98.37
CA VAL B 456 52.68 4.05 -98.83
C VAL B 456 53.64 4.94 -98.03
N ILE B 457 53.54 4.87 -96.71
CA ILE B 457 54.36 5.65 -95.80
C ILE B 457 55.86 5.49 -96.07
N ARG B 458 56.29 4.23 -96.16
CA ARG B 458 57.69 3.92 -96.40
C ARG B 458 58.17 4.48 -97.72
N GLY B 459 57.31 4.41 -98.73
CA GLY B 459 57.66 4.90 -100.05
C GLY B 459 57.60 6.41 -100.24
N LEU B 460 58.03 7.15 -99.23
CA LEU B 460 58.04 8.61 -99.31
C LEU B 460 59.32 9.15 -98.71
N ASN B 461 60.34 8.30 -98.68
CA ASN B 461 61.64 8.68 -98.12
C ASN B 461 61.40 9.35 -96.77
N THR B 462 60.63 8.69 -95.92
CA THR B 462 60.30 9.23 -94.61
C THR B 462 61.24 8.75 -93.50
N ILE B 463 61.68 7.49 -93.60
CA ILE B 463 62.56 6.89 -92.59
C ILE B 463 63.69 7.78 -92.07
N PRO B 464 64.47 8.41 -92.97
CA PRO B 464 65.56 9.27 -92.50
C PRO B 464 65.11 10.31 -91.48
N LEU B 465 63.91 10.85 -91.69
CA LEU B 465 63.36 11.86 -90.79
C LEU B 465 62.93 11.23 -89.46
N PHE B 466 62.20 10.11 -89.55
CA PHE B 466 61.74 9.43 -88.35
C PHE B 466 62.91 9.13 -87.44
N VAL B 467 64.03 8.72 -88.03
CA VAL B 467 65.23 8.40 -87.25
C VAL B 467 65.78 9.65 -86.57
N GLN B 468 65.68 10.79 -87.25
CA GLN B 468 66.17 12.05 -86.69
C GLN B 468 65.39 12.55 -85.48
N LEU B 469 64.15 12.10 -85.34
CA LEU B 469 63.33 12.53 -84.21
C LEU B 469 63.77 11.81 -82.94
N LEU B 470 64.51 10.73 -83.10
CA LEU B 470 65.00 9.97 -81.96
C LEU B 470 65.92 10.85 -81.11
N TYR B 471 66.41 11.93 -81.71
CA TYR B 471 67.31 12.86 -81.02
C TYR B 471 66.60 14.03 -80.33
N SER B 472 65.27 14.02 -80.32
CA SER B 472 64.52 15.11 -79.70
C SER B 472 64.57 15.11 -78.17
N PRO B 473 64.60 16.32 -77.57
CA PRO B 473 64.65 16.49 -76.11
C PRO B 473 63.26 16.32 -75.51
N ILE B 474 62.28 16.06 -76.37
CA ILE B 474 60.90 15.89 -75.93
C ILE B 474 60.50 14.42 -75.91
N GLU B 475 60.36 13.87 -74.71
CA GLU B 475 59.99 12.47 -74.52
C GLU B 475 58.79 12.03 -75.34
N ASN B 476 57.76 12.87 -75.37
CA ASN B 476 56.55 12.55 -76.13
C ASN B 476 56.89 12.18 -77.58
N ILE B 477 57.70 13.01 -78.23
CA ILE B 477 58.10 12.78 -79.62
C ILE B 477 58.92 11.51 -79.79
N GLN B 478 59.62 11.11 -78.73
CA GLN B 478 60.45 9.91 -78.76
C GLN B 478 59.62 8.64 -78.81
N ARG B 479 58.55 8.58 -78.03
CA ARG B 479 57.71 7.40 -77.99
C ARG B 479 57.03 7.15 -79.34
N VAL B 480 56.47 8.20 -79.93
CA VAL B 480 55.80 8.07 -81.22
C VAL B 480 56.73 7.81 -82.39
N ALA B 481 57.94 8.38 -82.35
CA ALA B 481 58.91 8.18 -83.42
C ALA B 481 59.40 6.74 -83.39
N ALA B 482 59.67 6.23 -82.18
CA ALA B 482 60.14 4.87 -82.01
C ALA B 482 58.98 3.90 -82.29
N GLY B 483 57.76 4.39 -82.08
CA GLY B 483 56.59 3.58 -82.30
C GLY B 483 56.32 3.29 -83.78
N VAL B 484 56.32 4.32 -84.60
CA VAL B 484 56.07 4.16 -86.03
C VAL B 484 57.16 3.29 -86.64
N LEU B 485 58.37 3.42 -86.14
CA LEU B 485 59.50 2.62 -86.62
C LEU B 485 59.32 1.15 -86.24
N CYS B 486 58.71 0.91 -85.09
CA CYS B 486 58.46 -0.44 -84.63
C CYS B 486 57.44 -1.12 -85.55
N GLU B 487 56.50 -0.33 -86.04
CA GLU B 487 55.47 -0.83 -86.94
C GLU B 487 56.03 -1.22 -88.31
N LEU B 488 56.74 -0.29 -88.93
CA LEU B 488 57.32 -0.50 -90.25
C LEU B 488 58.44 -1.54 -90.26
N ALA B 489 59.08 -1.74 -89.11
CA ALA B 489 60.19 -2.67 -89.00
C ALA B 489 59.80 -4.14 -89.03
N GLN B 490 58.50 -4.42 -89.04
CA GLN B 490 58.03 -5.81 -89.07
C GLN B 490 58.11 -6.39 -90.49
N ASP B 491 58.88 -5.74 -91.35
CA ASP B 491 59.06 -6.20 -92.72
C ASP B 491 60.52 -6.10 -93.13
N LYS B 492 61.11 -7.28 -93.38
CA LYS B 492 62.51 -7.43 -93.77
C LYS B 492 63.13 -6.21 -94.44
N GLU B 493 62.73 -5.92 -95.68
CA GLU B 493 63.27 -4.77 -96.41
C GLU B 493 63.29 -3.53 -95.52
N ALA B 494 62.12 -3.19 -94.98
CA ALA B 494 61.97 -2.02 -94.12
C ALA B 494 63.00 -1.99 -93.00
N ALA B 495 63.06 -3.06 -92.22
CA ALA B 495 64.01 -3.14 -91.11
C ALA B 495 65.41 -2.87 -91.63
N GLU B 496 65.76 -3.53 -92.74
CA GLU B 496 67.07 -3.40 -93.36
C GLU B 496 67.42 -1.96 -93.73
N ALA B 497 66.42 -1.21 -94.17
CA ALA B 497 66.64 0.19 -94.56
C ALA B 497 66.80 1.08 -93.33
N ILE B 498 66.17 0.68 -92.24
CA ILE B 498 66.25 1.43 -90.98
C ILE B 498 67.63 1.32 -90.37
N GLU B 499 68.14 0.09 -90.29
CA GLU B 499 69.46 -0.15 -89.72
C GLU B 499 70.55 0.52 -90.55
N ALA B 500 70.27 0.75 -91.83
CA ALA B 500 71.24 1.38 -92.73
C ALA B 500 71.43 2.87 -92.45
N GLU B 501 70.43 3.50 -91.85
CA GLU B 501 70.51 4.92 -91.52
C GLU B 501 71.34 5.14 -90.27
N GLY B 502 71.35 4.14 -89.39
CA GLY B 502 72.12 4.23 -88.17
C GLY B 502 71.28 4.42 -86.92
N ALA B 503 70.11 3.81 -86.89
CA ALA B 503 69.21 3.94 -85.74
C ALA B 503 69.72 3.12 -84.55
N THR B 504 70.62 2.18 -84.81
CA THR B 504 71.16 1.34 -83.75
C THR B 504 71.84 2.15 -82.66
N ALA B 505 72.48 3.26 -83.05
CA ALA B 505 73.15 4.10 -82.09
C ALA B 505 72.16 4.65 -81.06
N PRO B 506 71.24 5.54 -81.50
CA PRO B 506 70.25 6.12 -80.58
C PRO B 506 69.31 5.12 -79.90
N LEU B 507 68.86 4.11 -80.63
CA LEU B 507 67.96 3.11 -80.06
C LEU B 507 68.48 2.47 -78.80
N THR B 508 69.80 2.29 -78.71
CA THR B 508 70.42 1.67 -77.55
C THR B 508 70.31 2.58 -76.33
N GLU B 509 70.54 3.87 -76.55
CA GLU B 509 70.47 4.87 -75.48
C GLU B 509 69.06 4.99 -74.90
N LEU B 510 68.05 4.81 -75.75
CA LEU B 510 66.66 4.92 -75.32
C LEU B 510 66.14 3.69 -74.57
N LEU B 511 66.97 2.65 -74.47
CA LEU B 511 66.59 1.43 -73.77
C LEU B 511 66.56 1.66 -72.26
N HIS B 512 67.44 2.55 -71.81
CA HIS B 512 67.59 2.85 -70.40
C HIS B 512 66.73 4.00 -69.92
N SER B 513 65.73 4.38 -70.73
CA SER B 513 64.84 5.48 -70.37
C SER B 513 63.89 5.00 -69.27
N ARG B 514 63.55 5.90 -68.35
CA ARG B 514 62.64 5.55 -67.27
C ARG B 514 61.19 5.72 -67.73
N ASN B 515 61.03 6.02 -69.02
CA ASN B 515 59.70 6.17 -69.61
C ASN B 515 59.40 4.79 -70.19
N GLU B 516 58.68 3.98 -69.44
CA GLU B 516 58.34 2.62 -69.86
C GLU B 516 57.73 2.57 -71.26
N GLY B 517 57.43 3.75 -71.81
CA GLY B 517 56.87 3.82 -73.14
C GLY B 517 57.95 3.99 -74.17
N VAL B 518 58.84 4.96 -73.94
CA VAL B 518 59.94 5.21 -74.86
C VAL B 518 60.87 4.01 -74.83
N ALA B 519 60.84 3.26 -73.73
CA ALA B 519 61.69 2.10 -73.56
C ALA B 519 61.12 0.84 -74.22
N THR B 520 59.90 0.47 -73.84
CA THR B 520 59.28 -0.72 -74.42
C THR B 520 59.35 -0.71 -75.95
N TYR B 521 59.33 0.47 -76.55
CA TYR B 521 59.38 0.58 -78.00
C TYR B 521 60.78 0.52 -78.61
N ALA B 522 61.81 0.87 -77.84
CA ALA B 522 63.17 0.83 -78.33
C ALA B 522 63.66 -0.63 -78.36
N ALA B 523 63.09 -1.45 -77.47
CA ALA B 523 63.44 -2.86 -77.38
C ALA B 523 62.79 -3.66 -78.50
N ALA B 524 61.66 -3.17 -78.99
CA ALA B 524 60.93 -3.83 -80.06
C ALA B 524 61.57 -3.66 -81.43
N VAL B 525 61.95 -2.42 -81.76
CA VAL B 525 62.57 -2.12 -83.04
C VAL B 525 63.88 -2.87 -83.21
N LEU B 526 64.65 -2.98 -82.13
CA LEU B 526 65.94 -3.68 -82.16
C LEU B 526 65.77 -5.20 -82.32
N PHE B 527 64.74 -5.74 -81.66
CA PHE B 527 64.45 -7.16 -81.72
C PHE B 527 64.08 -7.56 -83.15
N ARG B 528 63.20 -6.77 -83.77
CA ARG B 528 62.76 -7.05 -85.13
C ARG B 528 63.87 -6.94 -86.16
N MET B 529 64.69 -5.90 -86.07
CA MET B 529 65.78 -5.76 -87.05
C MET B 529 66.98 -6.58 -86.60
N SER B 530 66.72 -7.81 -86.19
CA SER B 530 67.76 -8.74 -85.73
C SER B 530 67.15 -10.09 -85.39
N LEU C 1 -12.04 -33.11 78.42
CA LEU C 1 -12.70 -33.45 79.71
C LEU C 1 -14.21 -33.24 79.69
N ASP C 2 -14.65 -31.98 79.73
CA ASP C 2 -16.09 -31.67 79.74
C ASP C 2 -16.88 -32.78 79.02
N THR C 3 -17.76 -33.47 79.75
CA THR C 3 -18.50 -34.59 79.16
C THR C 3 -20.03 -34.43 79.16
N PRO C 4 -20.65 -34.67 77.98
CA PRO C 4 -22.09 -34.61 77.64
C PRO C 4 -22.91 -35.72 78.29
N ILE C 5 -24.23 -35.56 78.25
CA ILE C 5 -25.21 -36.51 78.77
C ILE C 5 -26.37 -36.56 77.80
N ASN C 6 -26.53 -37.75 77.25
CA ASN C 6 -27.54 -38.05 76.27
C ASN C 6 -28.88 -38.15 76.97
N TYR C 7 -29.63 -37.04 76.96
CA TYR C 7 -30.93 -36.98 77.59
C TYR C 7 -31.99 -37.78 76.85
N SER C 8 -31.66 -38.24 75.65
CA SER C 8 -32.61 -39.03 74.88
C SER C 8 -32.81 -40.37 75.59
N LEU C 9 -31.75 -40.90 76.19
CA LEU C 9 -31.83 -42.19 76.87
C LEU C 9 -32.26 -42.14 78.33
N LYS C 10 -32.35 -40.95 78.91
CA LYS C 10 -32.77 -40.84 80.32
C LYS C 10 -34.27 -40.63 80.47
N TYR C 11 -34.93 -40.24 79.38
CA TYR C 11 -36.39 -40.02 79.43
C TYR C 11 -37.02 -40.59 78.16
N LEU D 1 43.34 15.65 -71.24
CA LEU D 1 43.50 16.81 -72.17
C LEU D 1 42.18 17.60 -72.24
N ASP D 2 41.61 17.73 -73.44
CA ASP D 2 40.37 18.50 -73.62
C ASP D 2 40.58 19.87 -72.97
N THR D 3 41.00 20.83 -73.78
CA THR D 3 41.29 22.17 -73.27
C THR D 3 40.38 23.32 -73.74
N PRO D 4 39.77 24.04 -72.78
CA PRO D 4 38.84 25.18 -72.91
C PRO D 4 39.40 26.47 -73.56
N ILE D 5 38.49 27.30 -74.08
CA ILE D 5 38.86 28.55 -74.74
C ILE D 5 38.11 29.76 -74.16
N ASN D 6 38.85 30.64 -73.50
CA ASN D 6 38.28 31.85 -72.90
C ASN D 6 37.80 32.80 -74.00
N TYR D 7 36.51 32.77 -74.32
CA TYR D 7 35.96 33.62 -75.37
C TYR D 7 35.82 35.08 -74.95
N SER D 8 35.88 35.33 -73.65
CA SER D 8 35.76 36.70 -73.17
C SER D 8 36.92 37.53 -73.74
N LEU D 9 38.12 36.94 -73.76
CA LEU D 9 39.30 37.63 -74.23
C LEU D 9 39.52 37.74 -75.73
N LYS D 10 38.98 36.81 -76.49
CA LYS D 10 39.18 36.84 -77.94
C LYS D 10 38.36 37.92 -78.63
N TYR D 11 37.28 38.37 -78.00
CA TYR D 11 36.44 39.37 -78.64
C TYR D 11 36.34 40.73 -77.97
N SER D 12 37.50 41.35 -77.74
CA SER D 12 37.55 42.68 -77.14
C SER D 12 37.33 43.68 -78.28
N ASP D 13 36.37 43.37 -79.13
CA ASP D 13 36.01 44.19 -80.28
C ASP D 13 34.49 44.18 -80.38
N GLU D 14 33.85 43.67 -79.35
CA GLU D 14 32.40 43.59 -79.28
C GLU D 14 31.86 42.94 -80.55
C1 GOL E . 30.95 62.50 -69.69
O1 GOL E . 31.13 63.87 -69.98
C2 GOL E . 30.31 62.36 -68.32
O2 GOL E . 31.09 63.11 -67.37
C3 GOL E . 30.31 60.89 -67.92
O3 GOL E . 29.63 60.69 -66.70
#